data_8C3Q
#
_entry.id   8C3Q
#
_cell.length_a   134.187
_cell.length_b   134.187
_cell.length_c   91.150
_cell.angle_alpha   90.00
_cell.angle_beta   90.00
_cell.angle_gamma   120.00
#
_symmetry.space_group_name_H-M   'P 63'
#
loop_
_entity.id
_entity.type
_entity.pdbx_description
1 polymer 'Dual specificity tyrosine-phosphorylation-regulated kinase 1A'
2 non-polymer RUTIN
3 water water
#
_entity_poly.entity_id   1
_entity_poly.type   'polypeptide(L)'
_entity_poly.pdbx_seq_one_letter_code
;DSSHKKERKVYNDGYDDDNYDYIVKNGEKWMDRYEIDSLIGKGSFGQVVKAYDRVEQEWVAIKIIKNKKAFLNQAQIEVR
LLELMNKHDTEMKYYIVHLKRHFMFRNHLCLVFEMLSYNLYDLLRNTNFRGVSLNLTRKFAQQMCTALLFLATPELSIIH
CDLKPENILLCNPKRSAIKIVDFGSSCQLGQRIYQ(PTR)IQSRFYRSPEVLLGMPYDLAIDMWSLGCILVEMHTGEPLF
SGANEVDQMNKIVEVLGIPPAHILDQAPKARKFFEKLPDGTWNLKKTKDGKREYKPPGTRKLHNILGVETGGPGGRRAGE
SGHTVADYLKFKDLILRMLDYDPKTRIQPYYALQHSFFKKTADEGTNTHHHHHH
;
_entity_poly.pdbx_strand_id   A,B
#
# COMPACT_ATOMS: atom_id res chain seq x y z
N LYS A 9 -4.94 -20.58 36.58
CA LYS A 9 -4.64 -20.93 37.97
C LYS A 9 -3.87 -19.83 38.68
N VAL A 10 -2.76 -20.18 39.32
CA VAL A 10 -1.98 -19.25 40.13
C VAL A 10 -0.65 -18.97 39.42
N TYR A 11 -0.53 -17.77 38.85
CA TYR A 11 0.70 -17.32 38.22
C TYR A 11 1.31 -16.22 39.07
N ASN A 12 2.56 -16.43 39.51
CA ASN A 12 3.31 -15.49 40.33
C ASN A 12 2.50 -15.01 41.54
N ASP A 13 1.93 -15.96 42.28
CA ASP A 13 1.13 -15.68 43.48
C ASP A 13 -0.10 -14.81 43.16
N GLY A 14 -0.59 -14.86 41.91
CA GLY A 14 -1.72 -14.06 41.51
C GLY A 14 -1.39 -12.69 40.96
N TYR A 15 -0.11 -12.34 40.89
CA TYR A 15 0.29 -11.04 40.36
C TYR A 15 0.42 -11.04 38.84
N ASP A 16 0.63 -12.20 38.22
CA ASP A 16 0.81 -12.32 36.78
C ASP A 16 -0.42 -12.97 36.14
N ASP A 17 -0.45 -12.94 34.81
CA ASP A 17 -1.47 -13.62 34.01
C ASP A 17 -0.85 -14.80 33.26
N ASP A 18 -1.63 -15.40 32.36
CA ASP A 18 -1.16 -16.54 31.58
C ASP A 18 -0.13 -16.16 30.50
N ASN A 19 0.09 -14.87 30.23
CA ASN A 19 1.07 -14.45 29.25
C ASN A 19 2.32 -13.85 29.90
N TYR A 20 2.57 -14.17 31.18
CA TYR A 20 3.73 -13.72 31.96
C TYR A 20 3.73 -12.22 32.24
N ASP A 21 2.59 -11.55 32.10
CA ASP A 21 2.50 -10.11 32.34
C ASP A 21 1.98 -9.82 33.74
N TYR A 22 2.50 -8.75 34.33
CA TYR A 22 1.98 -8.26 35.61
C TYR A 22 0.58 -7.69 35.42
N ILE A 23 -0.35 -8.10 36.29
CA ILE A 23 -1.73 -7.64 36.21
C ILE A 23 -1.79 -6.23 36.82
N VAL A 24 -1.98 -5.24 35.97
CA VAL A 24 -1.89 -3.84 36.39
C VAL A 24 -3.15 -3.44 37.12
N LYS A 25 -2.99 -2.96 38.36
CA LYS A 25 -4.08 -2.45 39.18
C LYS A 25 -3.95 -0.93 39.19
N ASN A 26 -4.91 -0.24 38.59
CA ASN A 26 -4.84 1.21 38.54
C ASN A 26 -4.93 1.80 39.95
N GLY A 27 -3.80 2.24 40.49
CA GLY A 27 -3.80 2.87 41.81
C GLY A 27 -2.82 2.27 42.79
N GLU A 28 -2.25 1.13 42.45
CA GLU A 28 -1.35 0.43 43.35
C GLU A 28 -0.09 1.26 43.63
N LYS A 29 0.40 1.08 44.85
CA LYS A 29 1.63 1.74 45.22
C LYS A 29 2.76 0.74 45.31
N TRP A 30 3.92 1.13 44.86
CA TRP A 30 5.10 0.27 44.84
C TRP A 30 6.22 0.90 45.65
N MET A 31 6.79 0.12 46.58
CA MET A 31 8.04 0.52 47.25
C MET A 31 7.93 1.89 47.90
N ASP A 32 6.73 2.24 48.37
CA ASP A 32 6.45 3.56 48.98
C ASP A 32 6.94 4.69 48.09
N ARG A 33 6.83 4.52 46.77
CA ARG A 33 7.38 5.51 45.86
C ARG A 33 6.53 5.72 44.61
N TYR A 34 6.22 4.64 43.90
CA TYR A 34 5.54 4.73 42.60
C TYR A 34 4.06 4.44 42.77
N GLU A 35 3.24 5.36 42.27
CA GLU A 35 1.80 5.17 42.25
C GLU A 35 1.39 4.86 40.82
N ILE A 36 1.01 3.60 40.58
CA ILE A 36 0.54 3.19 39.24
C ILE A 36 -0.70 3.97 38.89
N ASP A 37 -0.69 4.59 37.71
CA ASP A 37 -1.83 5.38 37.25
C ASP A 37 -2.69 4.64 36.24
N SER A 38 -2.08 4.05 35.21
CA SER A 38 -2.82 3.43 34.13
C SER A 38 -1.86 2.71 33.20
N LEU A 39 -2.42 1.81 32.40
CA LEU A 39 -1.65 1.12 31.38
C LEU A 39 -1.49 2.02 30.17
N ILE A 40 -0.27 2.12 29.65
CA ILE A 40 -0.05 2.91 28.45
C ILE A 40 -0.21 1.96 27.26
N GLY A 41 0.56 0.89 27.22
CA GLY A 41 0.40 -0.07 26.15
C GLY A 41 1.11 -1.37 26.43
N LYS A 42 0.95 -2.30 25.49
CA LYS A 42 1.47 -3.65 25.59
C LYS A 42 2.42 -3.93 24.43
N GLY A 43 3.32 -4.88 24.63
CA GLY A 43 4.25 -5.29 23.61
C GLY A 43 4.68 -6.72 23.80
N SER A 44 5.57 -7.20 22.97
CA SER A 44 6.06 -8.55 23.14
C SER A 44 6.91 -8.67 24.36
N PHE A 45 7.49 -7.56 24.80
CA PHE A 45 8.36 -7.55 25.97
C PHE A 45 7.59 -7.61 27.28
N GLY A 46 6.34 -7.17 27.28
CA GLY A 46 5.62 -6.89 28.50
C GLY A 46 4.71 -5.70 28.35
N GLN A 47 4.73 -4.76 29.30
CA GLN A 47 3.79 -3.66 29.30
C GLN A 47 4.50 -2.38 29.68
N VAL A 48 3.86 -1.25 29.36
CA VAL A 48 4.28 0.07 29.81
C VAL A 48 3.13 0.69 30.61
N VAL A 49 3.44 1.21 31.80
CA VAL A 49 2.43 1.86 32.62
C VAL A 49 2.84 3.30 32.89
N LYS A 50 1.84 4.16 33.06
CA LYS A 50 2.04 5.50 33.56
C LYS A 50 1.98 5.48 35.08
N ALA A 51 2.92 6.19 35.73
CA ALA A 51 3.00 6.17 37.17
C ALA A 51 3.50 7.52 37.67
N TYR A 52 3.17 7.83 38.93
CA TYR A 52 3.68 9.02 39.59
C TYR A 52 4.79 8.65 40.56
N ASP A 53 5.96 9.25 40.37
CA ASP A 53 7.11 9.08 41.27
C ASP A 53 6.93 10.09 42.40
N ARG A 54 6.56 9.60 43.58
CA ARG A 54 6.24 10.51 44.68
C ARG A 54 7.48 11.15 45.27
N VAL A 55 8.62 10.46 45.20
CA VAL A 55 9.84 10.98 45.82
C VAL A 55 10.39 12.16 45.01
N GLU A 56 10.48 11.99 43.69
CA GLU A 56 10.98 13.04 42.80
C GLU A 56 9.87 13.97 42.30
N GLN A 57 8.60 13.60 42.50
CA GLN A 57 7.45 14.46 42.23
C GLN A 57 7.31 14.73 40.73
N GLU A 58 7.21 13.64 39.97
CA GLU A 58 7.14 13.73 38.51
C GLU A 58 6.54 12.46 37.95
N TRP A 59 5.89 12.60 36.79
CA TRP A 59 5.28 11.48 36.08
C TRP A 59 6.33 10.66 35.37
N VAL A 60 6.20 9.35 35.43
CA VAL A 60 7.12 8.46 34.74
C VAL A 60 6.33 7.41 33.99
N ALA A 61 7.01 6.79 33.05
CA ALA A 61 6.52 5.60 32.38
C ALA A 61 7.41 4.44 32.79
N ILE A 62 6.79 3.32 33.13
CA ILE A 62 7.52 2.16 33.64
C ILE A 62 7.27 0.98 32.69
N LYS A 63 8.35 0.50 32.08
CA LYS A 63 8.31 -0.69 31.24
C LYS A 63 8.40 -1.92 32.15
N ILE A 64 7.31 -2.70 32.20
CA ILE A 64 7.26 -3.90 33.00
C ILE A 64 7.51 -5.08 32.08
N ILE A 65 8.71 -5.67 32.19
CA ILE A 65 9.13 -6.80 31.37
C ILE A 65 8.45 -8.07 31.86
N LYS A 66 8.12 -8.96 30.92
CA LYS A 66 7.50 -10.24 31.24
C LYS A 66 8.32 -11.05 32.25
N ASN A 67 7.61 -11.74 33.13
CA ASN A 67 8.23 -12.68 34.07
C ASN A 67 8.52 -13.98 33.34
N LYS A 68 9.54 -13.93 32.51
CA LYS A 68 10.02 -15.10 31.77
C LYS A 68 11.44 -14.85 31.29
N LYS A 69 12.28 -15.87 31.46
CA LYS A 69 13.74 -15.66 31.41
C LYS A 69 14.18 -15.05 30.08
N ALA A 70 13.64 -15.52 28.96
CA ALA A 70 14.06 -14.99 27.67
C ALA A 70 13.84 -13.48 27.56
N PHE A 71 12.69 -13.00 28.05
CA PHE A 71 12.41 -11.57 27.98
C PHE A 71 13.17 -10.80 29.05
N LEU A 72 13.37 -11.40 30.23
CA LEU A 72 14.28 -10.81 31.20
C LEU A 72 15.67 -10.62 30.60
N ASN A 73 16.15 -11.60 29.85
CA ASN A 73 17.52 -11.55 29.34
C ASN A 73 17.68 -10.48 28.28
N GLN A 74 16.72 -10.35 27.36
CA GLN A 74 16.83 -9.28 26.37
C GLN A 74 16.81 -7.92 27.05
N ALA A 75 15.93 -7.73 28.04
CA ALA A 75 15.85 -6.46 28.73
C ALA A 75 17.13 -6.15 29.50
N GLN A 76 17.82 -7.18 30.01
CA GLN A 76 19.09 -6.91 30.70
C GLN A 76 20.16 -6.45 29.73
N ILE A 77 20.13 -6.98 28.50
CA ILE A 77 21.00 -6.45 27.45
C ILE A 77 20.70 -4.96 27.22
N GLU A 78 19.43 -4.59 27.22
CA GLU A 78 19.05 -3.19 26.98
C GLU A 78 19.41 -2.29 28.18
N VAL A 79 19.22 -2.78 29.40
CA VAL A 79 19.64 -1.99 30.56
C VAL A 79 21.12 -1.64 30.44
N ARG A 80 21.94 -2.61 30.04
CA ARG A 80 23.38 -2.34 29.88
C ARG A 80 23.64 -1.31 28.79
N LEU A 81 22.89 -1.35 27.69
CA LEU A 81 23.07 -0.33 26.66
C LEU A 81 22.62 1.03 27.16
N LEU A 82 21.53 1.08 27.93
CA LEU A 82 21.04 2.35 28.46
C LEU A 82 22.00 2.96 29.47
N GLU A 83 22.54 2.13 30.36
CA GLU A 83 23.52 2.62 31.33
C GLU A 83 24.75 3.17 30.62
N LEU A 84 25.22 2.47 29.59
CA LEU A 84 26.34 2.96 28.79
C LEU A 84 26.05 4.32 28.19
N MET A 85 24.81 4.56 27.77
CA MET A 85 24.41 5.85 27.18
C MET A 85 24.33 6.90 28.29
N ASN A 86 23.99 6.52 29.52
CA ASN A 86 24.01 7.45 30.64
C ASN A 86 25.42 7.89 30.98
N LYS A 87 26.37 6.96 30.88
CA LYS A 87 27.77 7.30 31.16
C LYS A 87 28.35 8.28 30.15
N HIS A 88 27.64 8.57 29.05
CA HIS A 88 28.17 9.47 28.03
C HIS A 88 27.25 10.65 27.71
N ASP A 89 26.07 10.73 28.34
CA ASP A 89 25.13 11.83 28.13
C ASP A 89 24.71 12.39 29.48
N THR A 90 25.71 12.83 30.25
CA THR A 90 25.44 13.47 31.54
C THR A 90 24.54 14.68 31.37
N GLU A 91 24.78 15.48 30.32
CA GLU A 91 24.03 16.71 30.09
C GLU A 91 22.67 16.45 29.47
N MET A 92 22.33 15.20 29.13
CA MET A 92 21.04 14.85 28.50
C MET A 92 20.75 15.72 27.29
N LYS A 93 21.81 16.13 26.58
CA LYS A 93 21.65 17.03 25.44
C LYS A 93 21.19 16.30 24.20
N TYR A 94 21.64 15.06 24.03
CA TYR A 94 21.20 14.29 22.88
C TYR A 94 19.78 13.79 23.11
N TYR A 95 19.07 13.60 22.00
CA TYR A 95 17.61 13.61 22.04
C TYR A 95 17.09 12.19 22.27
N ILE A 96 17.44 11.68 23.45
CA ILE A 96 17.11 10.32 23.85
C ILE A 96 16.41 10.36 25.20
N VAL A 97 15.33 9.62 25.35
CA VAL A 97 14.69 9.46 26.68
C VAL A 97 15.61 8.50 27.40
N HIS A 98 16.39 8.94 28.39
CA HIS A 98 17.35 8.11 29.10
C HIS A 98 16.69 7.30 30.20
N LEU A 99 17.30 6.16 30.50
CA LEU A 99 16.85 5.35 31.62
C LEU A 99 17.04 6.12 32.91
N LYS A 100 15.95 6.28 33.68
CA LYS A 100 16.07 6.89 35.00
C LYS A 100 16.42 5.89 36.09
N ARG A 101 15.95 4.65 35.96
CA ARG A 101 16.13 3.66 37.01
C ARG A 101 15.67 2.31 36.50
N HIS A 102 16.28 1.25 37.03
CA HIS A 102 15.83 -0.12 36.84
C HIS A 102 15.79 -0.80 38.21
N PHE A 103 14.80 -1.68 38.40
CA PHE A 103 14.70 -2.47 39.61
C PHE A 103 13.82 -3.68 39.33
N MET A 104 13.96 -4.69 40.18
CA MET A 104 13.06 -5.84 40.15
C MET A 104 11.88 -5.60 41.09
N PHE A 105 10.69 -5.97 40.62
CA PHE A 105 9.49 -5.86 41.43
C PHE A 105 8.62 -7.08 41.17
N ARG A 106 8.42 -7.90 42.19
CA ARG A 106 7.57 -9.10 42.10
C ARG A 106 7.92 -9.93 40.87
N ASN A 107 9.21 -10.17 40.71
CA ASN A 107 9.79 -10.99 39.65
C ASN A 107 9.62 -10.40 38.26
N HIS A 108 9.45 -9.08 38.18
CA HIS A 108 9.44 -8.38 36.90
C HIS A 108 10.57 -7.37 36.88
N LEU A 109 11.34 -7.34 35.81
CA LEU A 109 12.28 -6.24 35.62
C LEU A 109 11.50 -4.99 35.18
N CYS A 110 11.79 -3.85 35.81
CA CYS A 110 11.09 -2.60 35.54
C CYS A 110 12.07 -1.50 35.16
N LEU A 111 11.77 -0.79 34.08
CA LEU A 111 12.61 0.29 33.58
C LEU A 111 11.81 1.59 33.67
N VAL A 112 12.39 2.61 34.29
CA VAL A 112 11.69 3.87 34.54
C VAL A 112 12.18 4.91 33.55
N PHE A 113 11.24 5.65 32.95
CA PHE A 113 11.57 6.69 31.99
C PHE A 113 10.68 7.89 32.25
N GLU A 114 11.16 9.05 31.79
CA GLU A 114 10.32 10.24 31.80
C GLU A 114 9.08 10.00 30.95
N MET A 115 7.93 10.45 31.44
CA MET A 115 6.68 10.29 30.71
C MET A 115 6.52 11.40 29.67
N LEU A 116 6.35 11.01 28.40
CA LEU A 116 5.91 11.95 27.38
C LEU A 116 4.60 11.45 26.78
N SER A 117 3.71 12.37 26.47
CA SER A 117 2.34 12.01 26.12
C SER A 117 2.12 11.77 24.63
N TYR A 118 2.92 12.34 23.73
CA TYR A 118 2.62 12.26 22.31
C TYR A 118 3.84 11.88 21.49
N ASN A 119 3.61 11.06 20.47
CA ASN A 119 4.65 10.72 19.52
C ASN A 119 4.38 11.38 18.17
N LEU A 120 5.36 11.20 17.28
CA LEU A 120 5.35 11.82 15.97
C LEU A 120 4.19 11.31 15.11
N TYR A 121 3.79 10.04 15.25
CA TYR A 121 2.58 9.60 14.55
C TYR A 121 1.35 10.36 15.03
N ASP A 122 1.25 10.62 16.34
CA ASP A 122 0.13 11.42 16.84
C ASP A 122 0.08 12.79 16.18
N LEU A 123 1.23 13.44 16.01
CA LEU A 123 1.29 14.74 15.35
C LEU A 123 0.79 14.65 13.91
N LEU A 124 1.21 13.62 13.17
CA LEU A 124 0.77 13.45 11.79
C LEU A 124 -0.74 13.25 11.72
N ARG A 125 -1.27 12.39 12.59
CA ARG A 125 -2.70 12.12 12.57
C ARG A 125 -3.51 13.36 12.93
N ASN A 126 -2.95 14.24 13.78
CA ASN A 126 -3.63 15.49 14.12
C ASN A 126 -3.73 16.42 12.91
N THR A 127 -2.72 16.46 12.04
CA THR A 127 -2.82 17.23 10.80
C THR A 127 -3.67 16.52 9.75
N ASN A 128 -4.34 15.45 10.14
CA ASN A 128 -5.13 14.63 9.18
C ASN A 128 -4.22 14.09 8.08
N PHE A 129 -2.99 13.71 8.43
CA PHE A 129 -2.04 13.12 7.48
C PHE A 129 -1.81 14.02 6.27
N ARG A 130 -1.88 15.34 6.47
CA ARG A 130 -1.38 16.28 5.47
C ARG A 130 0.12 16.55 5.62
N GLY A 131 0.73 16.13 6.72
CA GLY A 131 2.15 16.35 6.93
C GLY A 131 2.45 17.67 7.63
N VAL A 132 3.58 17.71 8.30
CA VAL A 132 4.06 18.94 8.99
C VAL A 132 4.86 19.75 7.97
N SER A 133 5.14 21.01 8.28
CA SER A 133 5.89 21.89 7.41
C SER A 133 7.33 21.39 7.25
N LEU A 134 7.94 21.80 6.13
CA LEU A 134 9.35 21.45 5.92
C LEU A 134 10.25 22.09 6.96
N ASN A 135 9.83 23.24 7.52
CA ASN A 135 10.62 23.86 8.56
C ASN A 135 10.62 23.04 9.84
N LEU A 136 9.47 22.48 10.22
CA LEU A 136 9.42 21.57 11.36
C LEU A 136 10.14 20.25 11.05
N THR A 137 9.95 19.71 9.84
CA THR A 137 10.70 18.52 9.43
C THR A 137 12.20 18.78 9.52
N ARG A 138 12.66 19.97 9.10
CA ARG A 138 14.07 20.29 9.23
C ARG A 138 14.54 20.19 10.68
N LYS A 139 13.79 20.78 11.61
CA LYS A 139 14.19 20.76 13.01
C LYS A 139 14.22 19.34 13.57
N PHE A 140 13.17 18.55 13.31
CA PHE A 140 13.16 17.16 13.76
C PHE A 140 14.33 16.39 13.18
N ALA A 141 14.61 16.59 11.89
CA ALA A 141 15.72 15.91 11.24
C ALA A 141 17.05 16.25 11.92
N GLN A 142 17.28 17.53 12.22
CA GLN A 142 18.52 17.93 12.88
C GLN A 142 18.69 17.21 14.22
N GLN A 143 17.61 17.10 15.00
CA GLN A 143 17.71 16.41 16.28
C GLN A 143 17.91 14.91 16.11
N MET A 144 17.23 14.28 15.15
CA MET A 144 17.41 12.83 14.95
C MET A 144 18.83 12.51 14.51
N CYS A 145 19.40 13.31 13.62
CA CYS A 145 20.78 13.08 13.21
C CYS A 145 21.73 13.28 14.38
N THR A 146 21.44 14.24 15.25
CA THR A 146 22.28 14.42 16.43
C THR A 146 22.24 13.20 17.33
N ALA A 147 21.03 12.68 17.57
CA ALA A 147 20.89 11.45 18.33
C ALA A 147 21.65 10.29 17.67
N LEU A 148 21.58 10.17 16.35
CA LEU A 148 22.34 9.11 15.68
C LEU A 148 23.84 9.37 15.74
N LEU A 149 24.26 10.63 15.67
CA LEU A 149 25.66 10.94 15.89
C LEU A 149 26.11 10.45 17.26
N PHE A 150 25.26 10.64 18.27
CA PHE A 150 25.58 10.18 19.62
C PHE A 150 25.72 8.67 19.68
N LEU A 151 24.76 7.94 19.08
CA LEU A 151 24.83 6.47 19.06
C LEU A 151 26.06 5.98 18.32
N ALA A 152 26.54 6.74 17.33
CA ALA A 152 27.71 6.35 16.57
C ALA A 152 29.01 6.62 17.31
N THR A 153 28.94 7.19 18.51
CA THR A 153 30.13 7.38 19.32
C THR A 153 30.87 6.05 19.43
N PRO A 154 32.19 6.02 19.21
CA PRO A 154 32.93 4.74 19.24
C PRO A 154 32.65 3.87 20.46
N GLU A 155 32.65 4.45 21.67
CA GLU A 155 32.39 3.67 22.88
C GLU A 155 30.98 3.05 22.85
N LEU A 156 30.03 3.69 22.18
CA LEU A 156 28.64 3.18 22.11
C LEU A 156 28.47 2.23 20.93
N SER A 157 28.50 2.77 19.71
CA SER A 157 28.24 2.01 18.48
C SER A 157 26.93 1.24 18.60
N ILE A 158 25.90 1.94 19.06
CA ILE A 158 24.59 1.33 19.29
C ILE A 158 23.76 1.47 18.03
N ILE A 159 23.20 0.35 17.57
CA ILE A 159 22.19 0.33 16.52
C ILE A 159 20.83 0.32 17.20
N HIS A 160 20.00 1.32 16.91
CA HIS A 160 18.68 1.40 17.52
C HIS A 160 17.79 0.25 17.05
N CYS A 161 17.69 0.05 15.73
CA CYS A 161 16.98 -1.05 15.07
C CYS A 161 15.47 -0.92 15.04
N ASP A 162 14.89 0.19 15.48
CA ASP A 162 13.43 0.29 15.43
C ASP A 162 12.99 1.74 15.41
N LEU A 163 13.65 2.57 14.61
CA LEU A 163 13.20 3.94 14.40
C LEU A 163 11.90 3.95 13.59
N LYS A 164 10.87 4.58 14.14
CA LYS A 164 9.59 4.78 13.48
C LYS A 164 8.91 5.95 14.16
N PRO A 165 7.92 6.57 13.49
CA PRO A 165 7.28 7.75 14.11
C PRO A 165 6.76 7.50 15.52
N GLU A 166 6.23 6.31 15.80
CA GLU A 166 5.69 6.03 17.14
C GLU A 166 6.78 6.02 18.21
N ASN A 167 8.04 5.83 17.84
CA ASN A 167 9.13 5.79 18.81
C ASN A 167 9.88 7.12 18.89
N ILE A 168 9.34 8.18 18.31
CA ILE A 168 9.90 9.51 18.47
C ILE A 168 8.87 10.34 19.20
N LEU A 169 9.19 10.72 20.43
CA LEU A 169 8.22 11.35 21.32
C LEU A 169 8.41 12.86 21.31
N LEU A 170 7.33 13.59 21.57
CA LEU A 170 7.35 15.04 21.56
C LEU A 170 7.52 15.57 22.97
N CYS A 171 8.54 16.42 23.15
CA CYS A 171 8.79 16.99 24.45
C CYS A 171 7.63 17.85 24.93
N ASN A 172 6.85 18.37 23.99
CA ASN A 172 5.67 19.18 24.24
C ASN A 172 5.03 19.25 22.85
N PRO A 173 3.74 18.93 22.70
CA PRO A 173 3.11 18.83 21.37
C PRO A 173 3.19 20.08 20.49
N LYS A 174 3.41 21.25 21.07
CA LYS A 174 3.61 22.45 20.26
C LYS A 174 5.08 22.85 20.13
N ARG A 175 5.96 22.25 20.92
CA ARG A 175 7.38 22.50 20.79
C ARG A 175 7.93 21.78 19.54
N SER A 176 9.20 22.02 19.26
CA SER A 176 9.90 21.32 18.19
C SER A 176 10.84 20.24 18.72
N ALA A 177 10.95 20.09 20.04
CA ALA A 177 11.91 19.15 20.61
C ALA A 177 11.35 17.73 20.59
N ILE A 178 12.20 16.77 20.27
CA ILE A 178 11.82 15.37 20.24
C ILE A 178 12.85 14.57 21.04
N LYS A 179 12.47 13.34 21.36
CA LYS A 179 13.30 12.41 22.12
C LYS A 179 12.95 10.99 21.70
N ILE A 180 13.97 10.17 21.49
CA ILE A 180 13.82 8.82 20.96
C ILE A 180 13.64 7.82 22.09
N VAL A 181 12.72 6.86 21.90
CA VAL A 181 12.53 5.79 22.87
C VAL A 181 12.71 4.44 22.19
N ASP A 182 12.58 3.37 23.00
CA ASP A 182 12.45 1.98 22.56
C ASP A 182 13.74 1.41 22.02
N PHE A 183 14.66 1.09 22.92
CA PHE A 183 15.87 0.35 22.59
C PHE A 183 15.70 -1.15 22.85
N GLY A 184 14.45 -1.62 22.80
CA GLY A 184 14.19 -3.04 23.03
C GLY A 184 14.84 -3.97 22.02
N SER A 185 15.07 -3.50 20.79
CA SER A 185 15.70 -4.30 19.75
C SER A 185 17.15 -3.90 19.49
N SER A 186 17.69 -2.96 20.25
CA SER A 186 18.97 -2.39 19.92
C SER A 186 20.11 -3.36 20.22
N CYS A 187 21.25 -3.12 19.58
CA CYS A 187 22.44 -3.91 19.84
C CYS A 187 23.65 -3.06 19.50
N GLN A 188 24.76 -3.35 20.16
CA GLN A 188 26.03 -2.73 19.77
C GLN A 188 26.54 -3.37 18.49
N LEU A 189 27.33 -2.62 17.75
CA LEU A 189 27.97 -3.15 16.57
C LEU A 189 28.85 -4.34 16.94
N GLY A 190 28.58 -5.49 16.34
CA GLY A 190 29.35 -6.69 16.61
C GLY A 190 28.57 -7.75 17.36
N GLN A 191 27.61 -7.28 18.17
CA GLN A 191 26.80 -8.15 18.97
C GLN A 191 25.40 -8.28 18.40
N ARG A 192 25.30 -8.33 17.09
CA ARG A 192 23.99 -8.51 16.44
C ARG A 192 23.46 -9.90 16.72
N ILE A 193 22.16 -9.98 16.98
CA ILE A 193 21.54 -11.21 17.45
C ILE A 193 20.38 -11.60 16.55
N TYR A 194 19.58 -10.63 16.13
CA TYR A 194 18.35 -10.90 15.43
C TYR A 194 18.48 -10.58 13.95
N GLN A 195 17.67 -11.26 13.15
CA GLN A 195 17.65 -11.02 11.71
C GLN A 195 16.39 -10.27 11.26
N ILE A 197 14.41 -7.51 12.09
CA ILE A 197 14.40 -6.30 12.90
C ILE A 197 13.88 -5.15 12.07
N GLN A 198 13.65 -4.02 12.75
CA GLN A 198 13.09 -2.79 12.19
C GLN A 198 11.61 -2.97 11.86
N SER A 199 10.85 -1.89 11.99
CA SER A 199 9.43 -1.92 11.55
C SER A 199 9.48 -1.99 10.03
N ARG A 200 8.51 -2.66 9.42
CA ARG A 200 8.66 -3.01 8.00
C ARG A 200 8.70 -1.79 7.10
N PHE A 201 7.82 -0.81 7.31
CA PHE A 201 7.84 0.40 6.47
C PHE A 201 9.20 1.07 6.49
N TYR A 202 9.96 0.90 7.57
CA TYR A 202 11.24 1.58 7.80
C TYR A 202 12.43 0.60 7.77
N ARG A 203 12.22 -0.62 7.25
CA ARG A 203 13.26 -1.63 7.21
C ARG A 203 14.22 -1.41 6.04
N SER A 204 15.51 -1.38 6.33
CA SER A 204 16.52 -1.12 5.33
C SER A 204 16.67 -2.30 4.36
N PRO A 205 17.15 -2.02 3.14
CA PRO A 205 17.35 -3.12 2.18
C PRO A 205 18.32 -4.18 2.67
N GLU A 206 19.34 -3.80 3.43
CA GLU A 206 20.29 -4.81 3.87
C GLU A 206 19.64 -5.81 4.82
N VAL A 207 18.66 -5.37 5.61
CA VAL A 207 17.94 -6.31 6.48
C VAL A 207 16.99 -7.16 5.65
N LEU A 208 16.25 -6.54 4.73
CA LEU A 208 15.41 -7.31 3.81
C LEU A 208 16.22 -8.36 3.06
N LEU A 209 17.46 -8.04 2.70
CA LEU A 209 18.28 -8.96 1.92
C LEU A 209 19.05 -9.95 2.77
N GLY A 210 18.85 -9.94 4.09
CA GLY A 210 19.54 -10.88 4.96
C GLY A 210 21.03 -10.66 5.04
N MET A 211 21.50 -9.47 4.75
CA MET A 211 22.91 -9.19 4.85
C MET A 211 23.27 -8.78 6.27
N PRO A 212 24.55 -8.79 6.62
CA PRO A 212 24.98 -8.17 7.87
C PRO A 212 24.67 -6.67 7.85
N TYR A 213 24.30 -6.14 9.01
CA TYR A 213 23.83 -4.76 9.09
C TYR A 213 24.62 -4.01 10.17
N ASP A 214 24.56 -2.68 10.09
CA ASP A 214 25.30 -1.85 11.03
C ASP A 214 24.46 -0.61 11.31
N LEU A 215 25.12 0.45 11.76
CA LEU A 215 24.42 1.65 12.18
C LEU A 215 23.73 2.35 11.01
N ALA A 216 24.12 2.03 9.78
CA ALA A 216 23.51 2.68 8.62
C ALA A 216 22.03 2.35 8.49
N ILE A 217 21.58 1.24 9.06
CA ILE A 217 20.14 0.84 9.01
C ILE A 217 19.31 1.94 9.67
N ASP A 218 19.83 2.64 10.69
CA ASP A 218 19.01 3.64 11.36
C ASP A 218 18.86 4.89 10.50
N MET A 219 19.87 5.19 9.69
CA MET A 219 19.78 6.34 8.80
C MET A 219 18.80 6.08 7.66
N TRP A 220 18.72 4.84 7.18
CA TRP A 220 17.67 4.51 6.21
C TRP A 220 16.28 4.79 6.78
N SER A 221 16.00 4.23 7.97
CA SER A 221 14.73 4.50 8.63
C SER A 221 14.47 6.00 8.74
N LEU A 222 15.50 6.78 9.05
CA LEU A 222 15.31 8.21 9.23
C LEU A 222 14.85 8.85 7.93
N GLY A 223 15.47 8.49 6.81
CA GLY A 223 15.01 8.99 5.52
C GLY A 223 13.54 8.71 5.27
N CYS A 224 13.10 7.48 5.51
CA CYS A 224 11.70 7.15 5.33
C CYS A 224 10.82 8.01 6.25
N ILE A 225 11.24 8.17 7.49
CA ILE A 225 10.45 8.90 8.47
C ILE A 225 10.32 10.37 8.07
N LEU A 226 11.43 10.98 7.67
CA LEU A 226 11.38 12.39 7.30
C LEU A 226 10.44 12.62 6.12
N VAL A 227 10.44 11.72 5.13
CA VAL A 227 9.53 11.88 4.00
C VAL A 227 8.09 11.77 4.47
N GLU A 228 7.82 10.81 5.36
CA GLU A 228 6.46 10.63 5.87
C GLU A 228 6.02 11.84 6.71
N MET A 229 6.93 12.41 7.47
CA MET A 229 6.59 13.60 8.26
CA MET A 229 6.60 13.64 8.25
C MET A 229 6.08 14.84 7.42
N HIS A 230 6.71 15.01 6.27
CA HIS A 230 6.34 16.15 5.43
C HIS A 230 5.21 15.83 4.47
N THR A 231 5.10 14.59 3.98
CA THR A 231 4.01 14.25 3.08
C THR A 231 2.77 13.80 3.83
N GLY A 232 2.94 13.25 5.03
CA GLY A 232 1.83 12.69 5.77
C GLY A 232 1.65 11.21 5.59
N GLU A 233 2.36 10.61 4.66
CA GLU A 233 2.16 9.21 4.36
C GLU A 233 3.48 8.44 4.30
N PRO A 234 3.43 7.16 4.68
CA PRO A 234 4.66 6.36 4.63
C PRO A 234 5.20 6.30 3.20
N LEU A 235 6.52 6.39 3.09
CA LEU A 235 7.12 6.41 1.77
C LEU A 235 7.05 5.04 1.11
N PHE A 236 7.32 3.99 1.88
CA PHE A 236 7.35 2.60 1.40
C PHE A 236 6.42 1.79 2.30
N SER A 237 5.14 1.68 1.95
CA SER A 237 4.18 1.05 2.86
C SER A 237 3.88 -0.38 2.42
N GLY A 238 4.92 -1.22 2.52
CA GLY A 238 4.77 -2.62 2.13
C GLY A 238 3.98 -3.43 3.15
N ALA A 239 3.14 -4.34 2.65
CA ALA A 239 2.37 -5.19 3.54
C ALA A 239 3.10 -6.48 3.90
N ASN A 240 4.13 -6.85 3.14
CA ASN A 240 5.02 -7.94 3.48
C ASN A 240 6.38 -7.65 2.86
N GLU A 241 7.34 -8.51 3.07
CA GLU A 241 8.68 -8.19 2.63
C GLU A 241 8.86 -8.11 1.14
N VAL A 242 8.15 -8.92 0.38
CA VAL A 242 8.25 -8.77 -1.07
C VAL A 242 7.62 -7.45 -1.52
N ASP A 243 6.46 -7.10 -0.96
CA ASP A 243 5.81 -5.83 -1.29
C ASP A 243 6.67 -4.63 -0.85
N GLN A 244 7.39 -4.76 0.26
CA GLN A 244 8.24 -3.67 0.74
C GLN A 244 9.41 -3.44 -0.19
N MET A 245 10.08 -4.52 -0.62
CA MET A 245 11.22 -4.39 -1.52
C MET A 245 10.81 -3.78 -2.85
N ASN A 246 9.66 -4.22 -3.39
CA ASN A 246 9.20 -3.70 -4.67
C ASN A 246 8.86 -2.21 -4.57
N LYS A 247 8.22 -1.81 -3.49
CA LYS A 247 7.92 -0.39 -3.34
C LYS A 247 9.19 0.43 -3.26
N ILE A 248 10.24 -0.13 -2.65
CA ILE A 248 11.54 0.56 -2.61
C ILE A 248 12.13 0.68 -4.01
N VAL A 249 12.04 -0.40 -4.82
CA VAL A 249 12.58 -0.37 -6.18
C VAL A 249 11.74 0.53 -7.07
N GLU A 250 10.43 0.65 -6.81
CA GLU A 250 9.62 1.63 -7.53
C GLU A 250 10.25 3.02 -7.46
N VAL A 251 10.82 3.38 -6.32
CA VAL A 251 11.37 4.72 -6.14
C VAL A 251 12.86 4.76 -6.47
N LEU A 252 13.65 3.78 -6.04
CA LEU A 252 15.10 3.89 -6.06
C LEU A 252 15.78 3.06 -7.14
N GLY A 253 15.04 2.24 -7.88
CA GLY A 253 15.64 1.40 -8.92
C GLY A 253 16.23 0.12 -8.36
N ILE A 254 16.86 -0.64 -9.25
CA ILE A 254 17.44 -1.93 -8.86
C ILE A 254 18.67 -1.69 -7.98
N PRO A 255 18.89 -2.49 -6.93
CA PRO A 255 20.08 -2.27 -6.10
C PRO A 255 21.36 -2.58 -6.87
N PRO A 256 22.48 -1.94 -6.52
CA PRO A 256 23.73 -2.20 -7.24
C PRO A 256 24.09 -3.67 -7.29
N ALA A 257 24.70 -4.08 -8.41
CA ALA A 257 25.06 -5.47 -8.59
C ALA A 257 26.02 -5.95 -7.50
N HIS A 258 26.98 -5.10 -7.11
CA HIS A 258 27.98 -5.53 -6.15
C HIS A 258 27.38 -5.79 -4.77
N ILE A 259 26.15 -5.32 -4.53
CA ILE A 259 25.44 -5.59 -3.25
C ILE A 259 24.68 -6.90 -3.40
N LEU A 260 23.94 -7.09 -4.49
CA LEU A 260 23.14 -8.30 -4.66
C LEU A 260 24.01 -9.54 -4.83
N ASP A 261 25.20 -9.39 -5.42
CA ASP A 261 26.11 -10.52 -5.57
C ASP A 261 26.58 -11.08 -4.22
N GLN A 262 26.38 -10.33 -3.15
CA GLN A 262 26.77 -10.81 -1.84
C GLN A 262 25.57 -10.81 -0.89
N ALA A 263 24.38 -10.68 -1.44
CA ALA A 263 23.18 -10.64 -0.63
C ALA A 263 22.61 -12.04 -0.45
N PRO A 264 22.55 -12.57 0.78
CA PRO A 264 22.01 -13.93 0.97
C PRO A 264 20.62 -14.16 0.41
N LYS A 265 19.73 -13.18 0.45
CA LYS A 265 18.36 -13.38 0.03
C LYS A 265 18.02 -12.56 -1.22
N ALA A 266 19.00 -12.35 -2.09
CA ALA A 266 18.78 -11.59 -3.31
C ALA A 266 17.71 -12.23 -4.20
N ARG A 267 17.65 -13.56 -4.22
CA ARG A 267 16.75 -14.27 -5.12
C ARG A 267 15.33 -14.40 -4.59
N LYS A 268 15.06 -13.84 -3.41
CA LYS A 268 13.67 -13.70 -2.99
C LYS A 268 12.98 -12.58 -3.75
N PHE A 269 13.74 -11.66 -4.34
CA PHE A 269 13.18 -10.47 -4.97
C PHE A 269 13.63 -10.28 -6.43
N PHE A 270 14.81 -10.78 -6.76
CA PHE A 270 15.44 -10.48 -8.04
C PHE A 270 15.89 -11.76 -8.73
N GLU A 271 16.08 -11.65 -10.04
CA GLU A 271 16.59 -12.73 -10.88
C GLU A 271 17.86 -12.23 -11.56
N LYS A 272 18.92 -13.03 -11.53
CA LYS A 272 20.15 -12.67 -12.23
C LYS A 272 20.04 -13.11 -13.68
N LEU A 273 20.18 -12.14 -14.60
CA LEU A 273 20.09 -12.42 -16.02
C LEU A 273 21.41 -12.97 -16.54
N PRO A 274 21.38 -13.70 -17.66
CA PRO A 274 22.64 -14.22 -18.23
C PRO A 274 23.71 -13.17 -18.43
N ASP A 275 23.32 -11.93 -18.73
CA ASP A 275 24.27 -10.82 -18.87
C ASP A 275 25.08 -10.61 -17.59
N THR A 277 23.64 -9.39 -15.06
CA THR A 277 22.90 -8.29 -14.46
C THR A 277 21.69 -8.79 -13.67
N TRP A 278 21.17 -7.93 -12.82
CA TRP A 278 20.08 -8.33 -11.95
C TRP A 278 18.86 -7.58 -12.32
N ASN A 279 17.74 -8.26 -12.29
CA ASN A 279 16.49 -7.60 -12.54
C ASN A 279 15.50 -8.19 -11.58
N LEU A 280 14.28 -7.71 -11.62
CA LEU A 280 13.30 -8.18 -10.69
C LEU A 280 12.81 -9.49 -11.16
N LYS A 281 12.12 -10.19 -10.27
CA LYS A 281 11.63 -11.50 -10.61
C LYS A 281 10.40 -11.42 -11.45
N LYS A 282 10.12 -12.47 -12.21
CA LYS A 282 9.00 -12.48 -13.13
C LYS A 282 7.66 -12.42 -12.39
N THR A 283 6.70 -11.75 -13.02
CA THR A 283 5.33 -11.63 -12.52
C THR A 283 4.39 -12.41 -13.43
N LYS A 284 3.17 -12.65 -12.94
CA LYS A 284 2.16 -13.40 -13.68
C LYS A 284 1.22 -12.46 -14.44
N LYS A 287 -0.69 -9.63 -12.59
CA LYS A 287 -0.01 -9.24 -13.81
C LYS A 287 0.26 -7.74 -13.90
N ARG A 288 -0.42 -6.94 -13.08
CA ARG A 288 -0.12 -5.49 -13.05
C ARG A 288 1.29 -5.32 -12.50
N GLU A 289 2.21 -4.87 -13.35
CA GLU A 289 3.62 -4.73 -12.90
C GLU A 289 3.76 -3.46 -12.07
N TYR A 290 4.54 -3.52 -11.00
CA TYR A 290 4.80 -2.29 -10.20
C TYR A 290 5.35 -1.25 -11.17
N LYS A 291 5.25 0.02 -10.82
CA LYS A 291 5.85 1.04 -11.66
C LYS A 291 7.30 0.65 -11.94
N PRO A 292 7.81 0.88 -13.16
CA PRO A 292 9.13 0.36 -13.51
C PRO A 292 10.19 0.88 -12.56
N PRO A 293 11.29 0.14 -12.39
CA PRO A 293 12.31 0.52 -11.40
C PRO A 293 12.80 1.96 -11.55
N GLY A 294 12.69 2.74 -10.47
CA GLY A 294 13.19 4.09 -10.45
C GLY A 294 12.30 5.15 -11.05
N THR A 295 11.05 4.83 -11.42
CA THR A 295 10.18 5.76 -12.11
C THR A 295 9.20 6.49 -11.20
N ARG A 296 9.06 6.05 -9.95
CA ARG A 296 8.27 6.79 -8.97
C ARG A 296 9.24 7.72 -8.25
N LYS A 297 9.45 8.88 -8.87
CA LYS A 297 10.53 9.79 -8.45
C LYS A 297 10.19 10.48 -7.15
N LEU A 298 11.15 10.47 -6.22
CA LEU A 298 11.07 11.31 -5.04
C LEU A 298 10.75 12.75 -5.38
N HIS A 299 11.25 13.22 -6.53
CA HIS A 299 11.01 14.59 -7.00
C HIS A 299 9.52 14.91 -7.07
N ASN A 300 8.70 13.95 -7.49
CA ASN A 300 7.26 14.14 -7.56
C ASN A 300 6.53 13.77 -6.27
N ILE A 301 7.02 12.78 -5.52
CA ILE A 301 6.43 12.49 -4.22
C ILE A 301 6.47 13.73 -3.34
N LEU A 302 7.60 14.44 -3.35
CA LEU A 302 7.74 15.65 -2.58
C LEU A 302 7.09 16.87 -3.24
N GLY A 303 6.77 16.79 -4.53
CA GLY A 303 6.19 17.94 -5.21
C GLY A 303 7.16 19.10 -5.30
N VAL A 304 8.42 18.79 -5.64
CA VAL A 304 9.50 19.76 -5.61
C VAL A 304 9.15 21.03 -6.39
N GLU A 305 8.55 20.87 -7.56
CA GLU A 305 8.23 22.01 -8.42
C GLU A 305 6.75 22.36 -8.47
N THR A 306 5.93 21.77 -7.60
CA THR A 306 4.48 21.95 -7.74
C THR A 306 3.85 22.40 -6.43
N GLY A 307 4.59 23.14 -5.61
CA GLY A 307 4.09 23.55 -4.32
C GLY A 307 4.10 22.49 -3.23
N GLY A 308 4.99 21.51 -3.30
CA GLY A 308 5.09 20.51 -2.26
C GLY A 308 3.93 19.54 -2.26
N PRO A 309 3.89 18.66 -1.24
CA PRO A 309 2.82 17.67 -1.14
C PRO A 309 1.43 18.27 -1.26
N GLY A 310 0.62 17.70 -2.17
CA GLY A 310 -0.72 18.17 -2.42
C GLY A 310 -0.80 19.59 -2.95
N GLY A 311 0.34 20.18 -3.30
CA GLY A 311 0.38 21.58 -3.64
C GLY A 311 0.05 22.53 -2.51
N ARG A 312 0.04 22.06 -1.26
CA ARG A 312 -0.41 22.90 -0.13
C ARG A 312 0.62 23.94 0.29
N ARG A 313 1.87 23.85 -0.18
CA ARG A 313 2.96 24.66 0.32
C ARG A 313 3.35 25.79 -0.63
N ALA A 314 2.54 26.09 -1.63
CA ALA A 314 2.93 27.13 -2.59
C ALA A 314 3.11 28.47 -1.87
N GLY A 315 4.23 29.14 -2.15
CA GLY A 315 4.52 30.43 -1.55
C GLY A 315 4.84 30.40 -0.07
N GLU A 316 4.96 29.21 0.52
CA GLU A 316 5.29 29.13 1.94
C GLU A 316 6.78 29.28 2.13
N SER A 317 7.16 30.10 3.08
CA SER A 317 8.57 30.30 3.40
C SER A 317 9.19 28.95 3.78
N GLY A 318 10.45 28.78 3.42
CA GLY A 318 11.15 27.53 3.63
C GLY A 318 10.71 26.39 2.73
N HIS A 319 9.83 26.64 1.76
CA HIS A 319 9.34 25.61 0.85
C HIS A 319 9.60 26.01 -0.61
N THR A 320 10.61 26.84 -0.83
CA THR A 320 11.01 27.18 -2.18
C THR A 320 11.48 25.93 -2.92
N VAL A 321 11.49 26.03 -4.25
CA VAL A 321 12.04 24.93 -5.06
C VAL A 321 13.45 24.59 -4.60
N ALA A 322 14.26 25.60 -4.28
CA ALA A 322 15.62 25.36 -3.80
C ALA A 322 15.64 24.59 -2.48
N ASP A 323 14.74 24.94 -1.55
CA ASP A 323 14.66 24.19 -0.30
C ASP A 323 14.25 22.74 -0.55
N TYR A 324 13.29 22.52 -1.44
CA TYR A 324 12.86 21.15 -1.74
C TYR A 324 13.97 20.35 -2.41
N LEU A 325 14.76 20.99 -3.29
CA LEU A 325 15.84 20.26 -3.95
C LEU A 325 16.93 19.86 -2.94
N LYS A 326 17.20 20.72 -1.96
CA LYS A 326 18.11 20.34 -0.88
C LYS A 326 17.53 19.19 -0.05
N PHE A 327 16.25 19.27 0.31
CA PHE A 327 15.63 18.19 1.08
C PHE A 327 15.67 16.88 0.31
N LYS A 328 15.30 16.91 -0.97
CA LYS A 328 15.37 15.71 -1.80
C LYS A 328 16.79 15.16 -1.86
N ASP A 329 17.80 16.03 -1.95
CA ASP A 329 19.16 15.54 -2.03
C ASP A 329 19.58 14.82 -0.74
N LEU A 330 19.23 15.39 0.42
CA LEU A 330 19.57 14.74 1.69
C LEU A 330 18.87 13.40 1.82
N ILE A 331 17.58 13.34 1.43
CA ILE A 331 16.85 12.09 1.53
C ILE A 331 17.49 11.01 0.68
N LEU A 332 17.91 11.36 -0.55
CA LEU A 332 18.54 10.37 -1.41
C LEU A 332 19.86 9.88 -0.84
N ARG A 333 20.59 10.75 -0.14
CA ARG A 333 21.82 10.29 0.53
C ARG A 333 21.49 9.35 1.68
N MET A 334 20.34 9.55 2.32
CA MET A 334 19.89 8.68 3.39
C MET A 334 19.35 7.36 2.87
N LEU A 335 18.81 7.34 1.65
CA LEU A 335 18.24 6.13 1.06
C LEU A 335 19.20 5.48 0.08
N ASP A 336 20.50 5.73 0.25
CA ASP A 336 21.54 5.03 -0.50
C ASP A 336 21.44 3.54 -0.24
N TYR A 337 21.36 2.74 -1.31
CA TYR A 337 21.34 1.29 -1.19
C TYR A 337 22.61 0.77 -0.51
N ASP A 338 23.72 1.46 -0.70
CA ASP A 338 25.00 1.00 -0.20
C ASP A 338 25.18 1.46 1.25
N PRO A 339 25.16 0.55 2.23
CA PRO A 339 25.32 1.00 3.62
C PRO A 339 26.72 1.51 3.93
N LYS A 340 27.70 1.25 3.06
CA LYS A 340 29.01 1.86 3.28
C LYS A 340 29.06 3.29 2.78
N THR A 341 28.31 3.62 1.73
CA THR A 341 28.28 4.98 1.20
C THR A 341 27.05 5.78 1.65
N ARG A 342 26.09 5.14 2.31
CA ARG A 342 24.95 5.88 2.85
C ARG A 342 25.44 6.96 3.81
N ILE A 343 24.85 8.15 3.72
CA ILE A 343 25.33 9.28 4.50
C ILE A 343 25.31 8.92 5.99
N GLN A 344 26.27 9.45 6.70
CA GLN A 344 26.46 9.18 8.11
C GLN A 344 26.01 10.39 8.92
N PRO A 345 25.70 10.20 10.20
CA PRO A 345 25.09 11.31 10.97
C PRO A 345 25.89 12.60 10.94
N TYR A 346 27.21 12.54 11.15
CA TYR A 346 28.00 13.76 11.18
C TYR A 346 27.88 14.54 9.88
N TYR A 347 27.99 13.84 8.74
CA TYR A 347 27.93 14.50 7.45
C TYR A 347 26.51 14.89 7.05
N ALA A 348 25.49 14.20 7.56
CA ALA A 348 24.12 14.67 7.36
C ALA A 348 23.90 16.03 8.00
N LEU A 349 24.51 16.26 9.15
CA LEU A 349 24.36 17.53 9.86
C LEU A 349 25.02 18.69 9.14
N GLN A 350 26.03 18.44 8.29
CA GLN A 350 26.66 19.49 7.49
C GLN A 350 26.02 19.66 6.11
N HIS A 351 24.89 19.00 5.86
CA HIS A 351 24.23 19.11 4.57
C HIS A 351 23.56 20.47 4.44
N SER A 352 23.38 20.93 3.20
CA SER A 352 22.85 22.27 2.98
C SER A 352 21.38 22.39 3.36
N PHE A 353 20.67 21.26 3.50
CA PHE A 353 19.30 21.33 4.02
C PHE A 353 19.26 22.01 5.38
N PHE A 354 20.35 21.86 6.13
CA PHE A 354 20.44 22.47 7.47
C PHE A 354 21.39 23.67 7.36
N LYS A 355 20.87 24.90 7.39
CA LYS A 355 21.75 26.08 7.17
C LYS A 355 21.82 26.94 8.44
N TYR B 11 4.50 -31.62 -28.03
CA TYR B 11 3.06 -31.74 -27.86
C TYR B 11 2.32 -31.11 -29.03
N ASN B 12 1.19 -31.70 -29.40
CA ASN B 12 0.40 -31.29 -30.56
C ASN B 12 1.25 -31.26 -31.82
N ASP B 13 1.89 -32.39 -32.12
CA ASP B 13 2.82 -32.51 -33.25
C ASP B 13 3.89 -31.43 -33.21
N GLY B 14 4.25 -30.97 -32.01
CA GLY B 14 5.19 -29.88 -31.86
C GLY B 14 4.60 -28.50 -32.06
N TYR B 15 3.28 -28.35 -31.98
CA TYR B 15 2.65 -27.04 -32.11
C TYR B 15 2.52 -26.31 -30.78
N ASP B 16 2.52 -27.05 -29.66
CA ASP B 16 2.39 -26.49 -28.32
C ASP B 16 3.68 -26.70 -27.52
N ASP B 17 3.63 -26.29 -26.26
CA ASP B 17 4.76 -26.46 -25.36
C ASP B 17 4.28 -27.18 -24.10
N ASP B 18 5.02 -27.01 -23.01
CA ASP B 18 4.67 -27.65 -21.74
C ASP B 18 3.45 -27.01 -21.10
N ASN B 19 3.22 -25.72 -21.35
CA ASN B 19 2.10 -25.00 -20.75
C ASN B 19 0.85 -25.03 -21.62
N TYR B 20 0.69 -26.04 -22.48
CA TYR B 20 -0.48 -26.23 -23.33
C TYR B 20 -0.74 -25.04 -24.25
N ASP B 21 0.29 -24.23 -24.51
CA ASP B 21 0.16 -23.02 -25.31
C ASP B 21 0.72 -23.24 -26.70
N TYR B 22 0.02 -22.70 -27.70
CA TYR B 22 0.54 -22.71 -29.06
C TYR B 22 1.77 -21.81 -29.16
N ILE B 23 2.87 -22.35 -29.65
CA ILE B 23 4.09 -21.56 -29.85
C ILE B 23 3.88 -20.67 -31.06
N VAL B 24 3.73 -19.37 -30.85
CA VAL B 24 3.46 -18.47 -31.97
C VAL B 24 4.76 -18.21 -32.71
N LYS B 25 4.66 -18.21 -34.04
CA LYS B 25 5.76 -17.91 -34.95
C LYS B 25 5.36 -16.70 -35.77
N ASN B 26 6.14 -15.62 -35.65
CA ASN B 26 5.81 -14.39 -36.36
C ASN B 26 5.85 -14.62 -37.87
N GLY B 27 4.89 -14.02 -38.56
CA GLY B 27 4.76 -14.14 -40.00
C GLY B 27 4.01 -15.37 -40.47
N GLU B 28 3.66 -16.28 -39.57
CA GLU B 28 2.98 -17.51 -39.97
C GLU B 28 1.60 -17.22 -40.54
N LYS B 29 1.21 -18.00 -41.53
CA LYS B 29 -0.06 -17.84 -42.23
C LYS B 29 -1.00 -18.98 -41.85
N TRP B 30 -2.21 -18.64 -41.42
CA TRP B 30 -3.23 -19.61 -41.03
C TRP B 30 -4.35 -19.63 -42.05
N MET B 31 -4.68 -20.83 -42.53
CA MET B 31 -5.88 -21.06 -43.34
C MET B 31 -5.97 -20.12 -44.54
N ASP B 32 -4.82 -19.64 -45.02
CA ASP B 32 -4.75 -18.69 -46.13
C ASP B 32 -5.50 -17.38 -45.83
N ARG B 33 -5.76 -17.09 -44.56
CA ARG B 33 -6.58 -15.93 -44.22
C ARG B 33 -5.94 -15.00 -43.19
N TYR B 34 -5.21 -15.55 -42.20
CA TYR B 34 -4.65 -14.77 -41.11
C TYR B 34 -3.12 -14.81 -41.14
N GLU B 35 -2.49 -13.64 -41.13
CA GLU B 35 -1.04 -13.52 -41.03
C GLU B 35 -0.70 -13.07 -39.61
N ILE B 36 -0.16 -13.99 -38.82
CA ILE B 36 0.20 -13.67 -37.44
C ILE B 36 1.35 -12.69 -37.43
N ASP B 37 1.17 -11.59 -36.73
CA ASP B 37 2.25 -10.61 -36.61
C ASP B 37 3.13 -10.87 -35.40
N SER B 38 2.52 -11.02 -34.22
CA SER B 38 3.28 -11.07 -32.98
C SER B 38 2.37 -11.49 -31.83
N LEU B 39 2.99 -11.96 -30.76
CA LEU B 39 2.26 -12.22 -29.54
C LEU B 39 1.92 -10.89 -28.86
N ILE B 40 0.66 -10.73 -28.47
CA ILE B 40 0.23 -9.50 -27.82
C ILE B 40 0.38 -9.60 -26.32
N GLY B 41 -0.08 -10.71 -25.79
CA GLY B 41 -0.03 -10.92 -24.36
C GLY B 41 -0.38 -12.32 -24.00
N LYS B 42 -0.10 -12.67 -22.75
CA LYS B 42 -0.40 -14.00 -22.29
C LYS B 42 -1.31 -13.94 -21.10
N GLY B 43 -1.85 -15.09 -20.74
CA GLY B 43 -2.75 -15.15 -19.62
C GLY B 43 -2.96 -16.59 -19.27
N SER B 44 -3.87 -16.86 -18.36
CA SER B 44 -4.14 -18.21 -17.96
C SER B 44 -4.95 -18.85 -19.01
N PHE B 45 -5.82 -18.08 -19.65
CA PHE B 45 -6.60 -18.64 -20.75
C PHE B 45 -5.71 -19.22 -21.85
N GLY B 46 -4.51 -18.66 -22.03
CA GLY B 46 -3.69 -18.96 -23.18
C GLY B 46 -2.93 -17.74 -23.64
N GLN B 47 -3.12 -17.34 -24.90
CA GLN B 47 -2.39 -16.22 -25.47
C GLN B 47 -3.30 -15.37 -26.35
N VAL B 48 -2.86 -14.13 -26.60
CA VAL B 48 -3.51 -13.24 -27.55
C VAL B 48 -2.45 -12.79 -28.54
N VAL B 49 -2.77 -12.92 -29.84
CA VAL B 49 -1.85 -12.49 -30.88
C VAL B 49 -2.52 -11.42 -31.74
N LYS B 50 -1.68 -10.66 -32.42
CA LYS B 50 -2.10 -9.70 -33.41
C LYS B 50 -1.95 -10.34 -34.79
N ALA B 51 -2.97 -10.21 -35.63
CA ALA B 51 -2.95 -10.82 -36.94
C ALA B 51 -3.64 -9.90 -37.95
N TYR B 52 -3.29 -10.08 -39.22
CA TYR B 52 -4.01 -9.44 -40.32
C TYR B 52 -5.01 -10.41 -40.90
N ASP B 53 -6.23 -9.92 -41.13
CA ASP B 53 -7.29 -10.71 -41.76
C ASP B 53 -7.38 -10.29 -43.22
N ARG B 54 -6.95 -11.18 -44.12
CA ARG B 54 -6.89 -10.85 -45.54
C ARG B 54 -8.28 -10.79 -46.18
N VAL B 55 -9.24 -11.53 -45.63
CA VAL B 55 -10.58 -11.51 -46.20
C VAL B 55 -11.31 -10.23 -45.84
N GLU B 56 -11.14 -9.77 -44.59
CA GLU B 56 -11.72 -8.51 -44.12
C GLU B 56 -10.80 -7.32 -44.35
N GLN B 57 -9.53 -7.55 -44.67
CA GLN B 57 -8.54 -6.50 -44.82
C GLN B 57 -8.49 -5.59 -43.58
N GLU B 58 -8.25 -6.21 -42.43
CA GLU B 58 -8.22 -5.45 -41.18
C GLU B 58 -7.39 -6.19 -40.15
N TRP B 59 -6.84 -5.44 -39.20
CA TRP B 59 -6.05 -6.01 -38.11
C TRP B 59 -6.99 -6.57 -37.06
N VAL B 60 -6.70 -7.79 -36.59
CA VAL B 60 -7.53 -8.41 -35.59
C VAL B 60 -6.66 -8.91 -34.43
N ALA B 61 -7.31 -9.09 -33.29
CA ALA B 61 -6.72 -9.78 -32.16
C ALA B 61 -7.32 -11.17 -32.08
N ILE B 62 -6.47 -12.18 -31.95
CA ILE B 62 -6.91 -13.56 -31.85
C ILE B 62 -6.49 -14.10 -30.50
N LYS B 63 -7.46 -14.59 -29.74
CA LYS B 63 -7.23 -15.19 -28.44
C LYS B 63 -7.15 -16.70 -28.62
N ILE B 64 -5.95 -17.26 -28.45
CA ILE B 64 -5.71 -18.68 -28.63
C ILE B 64 -5.87 -19.35 -27.26
N ILE B 65 -6.98 -20.06 -27.07
CA ILE B 65 -7.25 -20.73 -25.81
C ILE B 65 -6.33 -21.94 -25.67
N LYS B 66 -5.86 -22.18 -24.46
CA LYS B 66 -4.98 -23.31 -24.22
C LYS B 66 -5.61 -24.63 -24.63
N ASN B 67 -4.77 -25.57 -25.02
CA ASN B 67 -5.26 -26.87 -25.42
C ASN B 67 -5.45 -27.77 -24.22
N LYS B 68 -6.34 -27.39 -23.31
CA LYS B 68 -6.66 -28.24 -22.17
C LYS B 68 -8.15 -28.17 -21.96
N LYS B 69 -8.81 -29.32 -21.94
CA LYS B 69 -10.27 -29.36 -21.83
C LYS B 69 -10.83 -28.39 -20.80
N ALA B 70 -10.10 -28.19 -19.69
CA ALA B 70 -10.53 -27.25 -18.67
C ALA B 70 -10.62 -25.84 -19.25
N PHE B 71 -9.53 -25.35 -19.83
CA PHE B 71 -9.55 -24.01 -20.43
C PHE B 71 -10.51 -23.95 -21.61
N LEU B 72 -10.51 -24.98 -22.43
CA LEU B 72 -11.41 -24.99 -23.55
C LEU B 72 -12.82 -24.81 -23.09
N ASN B 73 -13.27 -25.72 -22.25
CA ASN B 73 -14.67 -25.67 -21.84
C ASN B 73 -15.01 -24.34 -21.17
N GLN B 74 -14.05 -23.75 -20.44
CA GLN B 74 -14.29 -22.42 -19.87
C GLN B 74 -14.46 -21.38 -20.97
N ALA B 75 -13.62 -21.46 -22.01
CA ALA B 75 -13.79 -20.56 -23.15
C ALA B 75 -15.10 -20.79 -23.87
N GLN B 76 -15.60 -22.03 -23.90
CA GLN B 76 -16.88 -22.30 -24.55
C GLN B 76 -18.02 -21.57 -23.84
N ILE B 77 -17.96 -21.47 -22.51
CA ILE B 77 -18.91 -20.63 -21.79
C ILE B 77 -18.79 -19.18 -22.24
N GLU B 78 -17.55 -18.73 -22.46
CA GLU B 78 -17.35 -17.32 -22.85
C GLU B 78 -17.98 -17.07 -24.22
N VAL B 79 -17.74 -17.97 -25.17
CA VAL B 79 -18.25 -17.78 -26.55
C VAL B 79 -19.79 -17.70 -26.52
N ARG B 80 -20.42 -18.54 -25.71
CA ARG B 80 -21.87 -18.52 -25.64
C ARG B 80 -22.37 -17.17 -25.12
N LEU B 81 -21.64 -16.58 -24.18
CA LEU B 81 -22.03 -15.27 -23.60
C LEU B 81 -21.77 -14.17 -24.63
N LEU B 82 -20.65 -14.23 -25.35
CA LEU B 82 -20.33 -13.23 -26.36
C LEU B 82 -21.35 -13.25 -27.49
N GLU B 83 -21.71 -14.44 -27.97
CA GLU B 83 -22.66 -14.54 -29.07
C GLU B 83 -24.04 -14.04 -28.65
N LEU B 84 -24.45 -14.34 -27.42
CA LEU B 84 -25.72 -13.82 -26.91
C LEU B 84 -25.72 -12.30 -26.90
N MET B 85 -24.60 -11.69 -26.51
CA MET B 85 -24.49 -10.24 -26.56
C MET B 85 -24.54 -9.72 -27.98
N ASN B 86 -24.05 -10.50 -28.94
CA ASN B 86 -24.11 -10.10 -30.35
C ASN B 86 -25.54 -10.02 -30.85
N LYS B 87 -26.38 -10.99 -30.48
CA LYS B 87 -27.78 -10.96 -30.88
C LYS B 87 -28.52 -9.74 -30.33
N HIS B 88 -27.94 -9.01 -29.36
CA HIS B 88 -28.60 -7.85 -28.78
C HIS B 88 -27.90 -6.52 -29.06
N ASP B 89 -26.66 -6.55 -29.54
CA ASP B 89 -25.98 -5.33 -29.94
C ASP B 89 -25.60 -5.41 -31.42
N GLU B 91 -26.25 -1.44 -34.15
CA GLU B 91 -25.42 -2.55 -33.68
C GLU B 91 -24.00 -2.08 -33.31
N MET B 92 -23.26 -2.94 -32.61
CA MET B 92 -21.90 -2.64 -32.11
C MET B 92 -21.84 -1.28 -31.42
N LYS B 93 -22.78 -1.05 -30.52
CA LYS B 93 -23.01 0.28 -29.97
C LYS B 93 -22.92 0.39 -28.46
N TYR B 94 -22.82 -0.72 -27.73
CA TYR B 94 -22.83 -0.68 -26.27
C TYR B 94 -21.44 -0.85 -25.66
N TYR B 95 -20.41 -0.37 -26.36
CA TYR B 95 -19.06 -0.23 -25.81
C TYR B 95 -18.49 -1.57 -25.39
N ILE B 96 -18.71 -2.57 -26.22
CA ILE B 96 -18.13 -3.89 -26.04
C ILE B 96 -17.44 -4.28 -27.33
N VAL B 97 -16.24 -4.84 -27.21
CA VAL B 97 -15.51 -5.39 -28.34
C VAL B 97 -16.14 -6.76 -28.62
N HIS B 98 -16.93 -6.85 -29.67
CA HIS B 98 -17.72 -8.05 -29.89
C HIS B 98 -16.92 -9.12 -30.62
N LEU B 99 -17.34 -10.37 -30.42
CA LEU B 99 -16.70 -11.51 -31.07
C LEU B 99 -16.98 -11.45 -32.58
N LYS B 100 -15.91 -11.41 -33.39
CA LYS B 100 -16.08 -11.43 -34.84
C LYS B 100 -16.44 -12.83 -35.33
N ARG B 101 -15.74 -13.84 -34.82
CA ARG B 101 -15.91 -15.23 -35.20
C ARG B 101 -14.98 -16.07 -34.33
N HIS B 102 -15.23 -17.37 -34.32
CA HIS B 102 -14.41 -18.32 -33.58
C HIS B 102 -14.22 -19.56 -34.43
N PHE B 103 -13.12 -20.25 -34.20
CA PHE B 103 -12.78 -21.43 -34.99
C PHE B 103 -11.75 -22.24 -34.24
N MET B 104 -11.69 -23.54 -34.55
CA MET B 104 -10.65 -24.41 -34.05
C MET B 104 -9.50 -24.42 -35.04
N PHE B 105 -8.29 -24.25 -34.54
CA PHE B 105 -7.10 -24.29 -35.38
C PHE B 105 -6.03 -25.06 -34.62
N ARG B 106 -5.67 -26.23 -35.14
CA ARG B 106 -4.64 -27.08 -34.54
C ARG B 106 -4.91 -27.31 -33.05
N ASN B 107 -6.12 -27.79 -32.76
CA ASN B 107 -6.57 -28.19 -31.42
C ASN B 107 -6.66 -27.02 -30.46
N HIS B 108 -6.63 -25.79 -30.96
CA HIS B 108 -6.79 -24.60 -30.14
C HIS B 108 -8.06 -23.88 -30.55
N LEU B 109 -8.86 -23.49 -29.57
CA LEU B 109 -10.00 -22.63 -29.82
C LEU B 109 -9.51 -21.18 -29.96
N CYS B 110 -9.89 -20.53 -31.06
CA CYS B 110 -9.46 -19.19 -31.38
C CYS B 110 -10.64 -18.24 -31.45
N LEU B 111 -10.50 -17.06 -30.84
CA LEU B 111 -11.55 -16.05 -30.81
C LEU B 111 -11.00 -14.80 -31.46
N VAL B 112 -11.75 -14.26 -32.43
CA VAL B 112 -11.28 -13.13 -33.23
C VAL B 112 -12.01 -11.88 -32.80
N PHE B 113 -11.24 -10.86 -32.42
CA PHE B 113 -11.76 -9.56 -32.05
C PHE B 113 -11.11 -8.47 -32.90
N GLU B 114 -11.73 -7.31 -32.82
CA GLU B 114 -11.16 -6.13 -33.49
C GLU B 114 -9.88 -5.77 -32.76
N MET B 115 -8.95 -5.17 -33.49
CA MET B 115 -7.65 -4.79 -32.94
C MET B 115 -7.75 -3.41 -32.32
N LEU B 116 -7.34 -3.29 -31.06
CA LEU B 116 -7.18 -1.99 -30.42
C LEU B 116 -5.91 -2.05 -29.59
N SER B 117 -5.10 -0.99 -29.63
CA SER B 117 -3.74 -1.11 -29.10
C SER B 117 -3.52 -0.45 -27.73
N TYR B 118 -4.33 0.52 -27.31
CA TYR B 118 -4.09 1.22 -26.04
C TYR B 118 -5.29 1.07 -25.11
N ASN B 119 -5.02 0.68 -23.87
CA ASN B 119 -6.04 0.58 -22.85
C ASN B 119 -5.95 1.77 -21.89
N LEU B 120 -6.86 1.79 -20.92
CA LEU B 120 -7.02 2.94 -20.03
C LEU B 120 -5.89 3.04 -19.01
N TYR B 121 -5.20 1.94 -18.69
CA TYR B 121 -4.00 2.05 -17.88
C TYR B 121 -2.87 2.71 -18.65
N ASP B 122 -2.79 2.46 -19.97
CA ASP B 122 -1.80 3.15 -20.80
C ASP B 122 -2.02 4.66 -20.78
N LEU B 123 -3.29 5.09 -20.83
CA LEU B 123 -3.62 6.52 -20.74
C LEU B 123 -3.13 7.12 -19.43
N LEU B 124 -3.16 6.36 -18.34
CA LEU B 124 -2.76 6.90 -17.03
C LEU B 124 -1.24 6.98 -17.00
N ARG B 125 -0.51 6.04 -17.58
CA ARG B 125 0.95 6.10 -17.63
C ARG B 125 1.43 7.27 -18.48
N ASN B 126 0.66 7.66 -19.50
CA ASN B 126 1.06 8.78 -20.34
C ASN B 126 0.91 10.14 -19.65
N THR B 127 0.04 10.25 -18.66
CA THR B 127 -0.02 11.44 -17.82
C THR B 127 0.94 11.37 -16.63
N ASN B 128 1.90 10.43 -16.65
CA ASN B 128 2.79 10.16 -15.51
C ASN B 128 2.00 9.91 -14.23
N PHE B 129 0.86 9.23 -14.38
CA PHE B 129 -0.02 8.84 -13.27
C PHE B 129 -0.49 10.04 -12.47
N ARG B 130 -0.72 11.15 -13.17
CA ARG B 130 -1.33 12.33 -12.56
C ARG B 130 -2.82 12.43 -12.82
N GLY B 131 -3.41 11.42 -13.46
CA GLY B 131 -4.82 11.39 -13.73
C GLY B 131 -5.21 12.24 -14.94
N VAL B 132 -6.40 11.96 -15.44
CA VAL B 132 -6.97 12.74 -16.52
C VAL B 132 -8.00 13.70 -15.94
N SER B 133 -8.51 14.60 -16.77
CA SER B 133 -9.45 15.61 -16.31
C SER B 133 -10.73 14.96 -15.79
N LEU B 134 -11.46 15.71 -14.96
CA LEU B 134 -12.78 15.26 -14.55
C LEU B 134 -13.75 15.24 -15.73
N ASN B 135 -13.46 15.99 -16.79
CA ASN B 135 -14.33 15.96 -17.97
C ASN B 135 -14.16 14.66 -18.73
N LEU B 136 -12.91 14.24 -18.96
CA LEU B 136 -12.67 12.95 -19.57
C LEU B 136 -13.21 11.83 -18.68
N THR B 137 -13.05 11.96 -17.36
CA THR B 137 -13.59 10.96 -16.44
C THR B 137 -15.10 10.83 -16.60
N ARG B 138 -15.80 11.95 -16.76
CA ARG B 138 -17.25 11.90 -16.95
C ARG B 138 -17.61 11.08 -18.17
N LYS B 139 -16.94 11.33 -19.30
CA LYS B 139 -17.24 10.60 -20.53
C LYS B 139 -16.98 9.10 -20.37
N PHE B 140 -15.87 8.74 -19.74
CA PHE B 140 -15.60 7.33 -19.47
C PHE B 140 -16.69 6.74 -18.60
N ALA B 141 -17.07 7.46 -17.55
CA ALA B 141 -18.11 7.00 -16.64
C ALA B 141 -19.42 6.75 -17.36
N GLN B 142 -19.83 7.70 -18.22
CA GLN B 142 -21.10 7.58 -18.91
C GLN B 142 -21.14 6.35 -19.81
N GLN B 143 -20.04 6.09 -20.53
CA GLN B 143 -20.00 4.92 -21.40
C GLN B 143 -20.00 3.63 -20.60
N MET B 144 -19.28 3.61 -19.47
CA MET B 144 -19.19 2.42 -18.64
C MET B 144 -20.54 2.07 -18.03
N CYS B 145 -21.25 3.07 -17.50
CA CYS B 145 -22.58 2.82 -16.97
C CYS B 145 -23.52 2.34 -18.06
N THR B 146 -23.40 2.90 -19.27
CA THR B 146 -24.20 2.43 -20.38
C THR B 146 -23.91 0.96 -20.68
N ALA B 147 -22.62 0.60 -20.74
CA ALA B 147 -22.27 -0.79 -21.01
C ALA B 147 -22.76 -1.69 -19.89
N LEU B 148 -22.64 -1.25 -18.64
CA LEU B 148 -23.18 -2.04 -17.53
C LEU B 148 -24.70 -2.17 -17.63
N LEU B 149 -25.39 -1.09 -18.01
CA LEU B 149 -26.84 -1.18 -18.21
C LEU B 149 -27.17 -2.23 -19.26
N PHE B 150 -26.34 -2.36 -20.29
CA PHE B 150 -26.57 -3.37 -21.32
C PHE B 150 -26.40 -4.76 -20.75
N LEU B 151 -25.31 -4.99 -20.01
CA LEU B 151 -25.11 -6.30 -19.39
C LEU B 151 -26.25 -6.64 -18.42
N ALA B 152 -26.89 -5.62 -17.84
CA ALA B 152 -27.98 -5.85 -16.88
C ALA B 152 -29.33 -6.09 -17.55
N THR B 153 -29.38 -6.06 -18.88
CA THR B 153 -30.56 -6.48 -19.62
C THR B 153 -31.06 -7.82 -19.08
N PRO B 154 -32.37 -7.98 -18.84
CA PRO B 154 -32.86 -9.27 -18.31
C PRO B 154 -32.38 -10.50 -19.08
N GLU B 155 -32.58 -10.54 -20.41
CA GLU B 155 -32.17 -11.72 -21.18
C GLU B 155 -30.65 -11.89 -21.23
N LEU B 156 -29.88 -10.97 -20.65
CA LEU B 156 -28.39 -11.04 -20.60
C LEU B 156 -27.91 -11.30 -19.18
N SER B 157 -28.11 -10.38 -18.25
CA SER B 157 -27.77 -10.56 -16.83
C SER B 157 -26.37 -11.13 -16.68
N ILE B 158 -25.45 -10.50 -17.41
CA ILE B 158 -24.04 -10.94 -17.41
C ILE B 158 -23.24 -10.15 -16.39
N ILE B 159 -22.61 -10.83 -15.45
CA ILE B 159 -21.65 -10.19 -14.57
C ILE B 159 -20.29 -10.29 -15.25
N HIS B 160 -19.64 -9.15 -15.45
CA HIS B 160 -18.37 -9.16 -16.18
C HIS B 160 -17.28 -9.81 -15.33
N CYS B 161 -17.20 -9.46 -14.04
CA CYS B 161 -16.32 -10.04 -13.03
C CYS B 161 -14.85 -9.68 -13.17
N ASP B 162 -14.48 -8.79 -14.09
CA ASP B 162 -13.09 -8.38 -14.16
C ASP B 162 -12.91 -6.99 -14.76
N LEU B 163 -13.73 -6.04 -14.35
CA LEU B 163 -13.50 -4.65 -14.72
C LEU B 163 -12.18 -4.15 -14.14
N LYS B 164 -11.39 -3.49 -14.96
CA LYS B 164 -10.14 -2.87 -14.55
C LYS B 164 -9.65 -2.00 -15.69
N PRO B 165 -8.76 -1.05 -15.42
CA PRO B 165 -8.33 -0.14 -16.50
C PRO B 165 -7.71 -0.87 -17.68
N GLU B 166 -7.02 -1.97 -17.44
CA GLU B 166 -6.42 -2.72 -18.55
C GLU B 166 -7.47 -3.38 -19.44
N ASN B 167 -8.70 -3.60 -18.94
CA ASN B 167 -9.75 -4.24 -19.71
C ASN B 167 -10.71 -3.24 -20.33
N ILE B 168 -10.38 -1.95 -20.29
CA ILE B 168 -11.15 -0.91 -20.94
C ILE B 168 -10.26 -0.31 -22.03
N LEU B 169 -10.62 -0.55 -23.28
CA LEU B 169 -9.75 -0.20 -24.40
C LEU B 169 -10.22 1.09 -25.06
N LEU B 170 -9.27 1.84 -25.61
CA LEU B 170 -9.53 3.10 -26.27
C LEU B 170 -9.64 2.89 -27.77
N CYS B 171 -10.63 3.57 -28.38
CA CYS B 171 -10.78 3.48 -29.83
C CYS B 171 -9.72 4.30 -30.55
N ASN B 172 -9.47 5.52 -30.05
CA ASN B 172 -8.42 6.40 -30.56
C ASN B 172 -7.78 7.04 -29.33
N PRO B 173 -6.44 7.00 -29.21
CA PRO B 173 -5.77 7.51 -28.00
C PRO B 173 -6.11 8.95 -27.66
N LYS B 174 -6.56 9.74 -28.64
CA LYS B 174 -6.93 11.13 -28.41
C LYS B 174 -8.41 11.31 -28.11
N ARG B 175 -9.28 10.49 -28.69
CA ARG B 175 -10.72 10.59 -28.44
C ARG B 175 -11.06 9.96 -27.08
N SER B 176 -12.34 10.02 -26.71
CA SER B 176 -12.80 9.52 -25.42
C SER B 176 -13.60 8.22 -25.52
N ALA B 177 -13.76 7.65 -26.72
CA ALA B 177 -14.56 6.45 -26.90
C ALA B 177 -13.83 5.19 -26.42
N ILE B 178 -14.54 4.34 -25.69
CA ILE B 178 -13.96 3.16 -25.07
C ILE B 178 -14.81 1.94 -25.40
N LYS B 179 -14.24 0.76 -25.18
CA LYS B 179 -14.93 -0.52 -25.31
C LYS B 179 -14.34 -1.51 -24.33
N ILE B 180 -15.16 -2.46 -23.88
CA ILE B 180 -14.82 -3.40 -22.82
C ILE B 180 -14.42 -4.74 -23.41
N VAL B 181 -13.37 -5.36 -22.87
CA VAL B 181 -12.90 -6.66 -23.31
C VAL B 181 -12.79 -7.59 -22.11
N ASP B 182 -12.41 -8.84 -22.41
CA ASP B 182 -12.14 -9.89 -21.43
C ASP B 182 -13.38 -10.30 -20.66
N PHE B 183 -14.19 -11.15 -21.29
CA PHE B 183 -15.31 -11.81 -20.62
C PHE B 183 -14.95 -13.22 -20.21
N GLY B 184 -13.64 -13.47 -20.02
CA GLY B 184 -13.13 -14.77 -19.61
C GLY B 184 -13.55 -15.20 -18.22
N SER B 185 -13.84 -14.25 -17.33
CA SER B 185 -14.38 -14.58 -16.02
C SER B 185 -15.87 -14.32 -15.94
N SER B 186 -16.47 -13.83 -17.01
CA SER B 186 -17.86 -13.42 -16.95
C SER B 186 -18.77 -14.62 -16.70
N CYS B 187 -19.90 -14.36 -16.06
CA CYS B 187 -20.91 -15.37 -15.85
C CYS B 187 -22.26 -14.69 -15.95
N GLN B 188 -23.29 -15.53 -16.06
CA GLN B 188 -24.67 -15.07 -16.03
C GLN B 188 -25.24 -15.32 -14.64
N LEU B 189 -26.05 -14.39 -14.18
CA LEU B 189 -26.68 -14.56 -12.85
C LEU B 189 -27.21 -15.99 -12.76
N GLY B 190 -27.18 -16.56 -11.57
CA GLY B 190 -27.59 -17.93 -11.36
C GLY B 190 -26.63 -18.97 -11.91
N GLN B 191 -25.87 -18.60 -12.92
CA GLN B 191 -24.87 -19.52 -13.44
C GLN B 191 -23.52 -19.09 -12.90
N ARG B 192 -23.48 -18.66 -11.65
CA ARG B 192 -22.23 -18.29 -11.05
C ARG B 192 -21.49 -19.55 -10.68
N ILE B 193 -20.18 -19.57 -10.88
CA ILE B 193 -19.42 -20.77 -10.64
C ILE B 193 -18.19 -20.54 -9.77
N TYR B 194 -17.52 -19.43 -9.96
CA TYR B 194 -16.30 -19.20 -9.21
C TYR B 194 -16.54 -18.28 -8.04
N GLN B 195 -15.65 -18.35 -7.05
CA GLN B 195 -15.77 -17.50 -5.86
C GLN B 195 -14.60 -16.52 -5.74
N ILE B 197 -12.88 -14.16 -7.51
CA ILE B 197 -12.99 -13.46 -8.75
C ILE B 197 -12.65 -12.00 -8.66
N GLN B 198 -12.66 -11.33 -9.80
CA GLN B 198 -12.31 -9.91 -9.90
C GLN B 198 -10.80 -9.73 -9.76
N SER B 199 -10.29 -8.56 -10.03
CA SER B 199 -8.88 -8.29 -9.80
C SER B 199 -8.81 -7.63 -8.43
N ARG B 200 -7.89 -8.04 -7.58
CA ARG B 200 -7.87 -7.55 -6.19
C ARG B 200 -8.14 -6.07 -6.01
N PHE B 201 -7.44 -5.21 -6.73
CA PHE B 201 -7.65 -3.78 -6.48
C PHE B 201 -9.11 -3.41 -6.65
N TYR B 202 -9.83 -4.13 -7.50
CA TYR B 202 -11.19 -3.82 -7.90
C TYR B 202 -12.19 -4.83 -7.36
N ARG B 203 -11.78 -5.67 -6.41
CA ARG B 203 -12.65 -6.70 -5.88
C ARG B 203 -13.64 -6.14 -4.88
N SER B 204 -14.91 -6.47 -5.05
CA SER B 204 -15.96 -5.94 -4.20
C SER B 204 -15.91 -6.58 -2.81
N PRO B 205 -16.43 -5.88 -1.79
CA PRO B 205 -16.43 -6.46 -0.43
C PRO B 205 -17.17 -7.78 -0.34
N GLU B 206 -18.28 -7.93 -1.07
CA GLU B 206 -19.04 -9.18 -0.98
C GLU B 206 -18.22 -10.35 -1.46
N VAL B 207 -17.35 -10.14 -2.46
CA VAL B 207 -16.46 -11.21 -2.90
C VAL B 207 -15.37 -11.45 -1.87
N LEU B 208 -14.80 -10.36 -1.35
CA LEU B 208 -13.80 -10.51 -0.28
C LEU B 208 -14.38 -11.25 0.91
N LEU B 209 -15.65 -11.00 1.21
CA LEU B 209 -16.29 -11.60 2.38
C LEU B 209 -16.87 -12.98 2.10
N GLY B 210 -16.81 -13.45 0.85
CA GLY B 210 -17.31 -14.76 0.51
C GLY B 210 -18.82 -14.88 0.42
N MET B 211 -19.50 -13.82 0.03
CA MET B 211 -20.95 -13.81 -0.03
C MET B 211 -21.44 -13.98 -1.46
N PRO B 212 -22.69 -14.42 -1.63
CA PRO B 212 -23.30 -14.40 -2.97
C PRO B 212 -23.19 -13.02 -3.61
N TYR B 213 -22.75 -13.00 -4.86
CA TYR B 213 -22.59 -11.75 -5.59
C TYR B 213 -23.50 -11.72 -6.81
N ASP B 214 -23.79 -10.51 -7.27
CA ASP B 214 -24.61 -10.31 -8.45
C ASP B 214 -23.94 -9.25 -9.30
N LEU B 215 -24.72 -8.60 -10.18
CA LEU B 215 -24.15 -7.63 -11.10
C LEU B 215 -23.60 -6.39 -10.41
N ALA B 216 -23.91 -6.21 -9.12
CA ALA B 216 -23.43 -5.02 -8.40
C ALA B 216 -21.92 -5.02 -8.22
N ILE B 217 -21.26 -6.17 -8.33
CA ILE B 217 -19.82 -6.17 -8.12
C ILE B 217 -19.11 -5.40 -9.23
N ASP B 218 -19.67 -5.39 -10.44
CA ASP B 218 -19.08 -4.62 -11.52
C ASP B 218 -19.20 -3.13 -11.25
N MET B 219 -20.29 -2.72 -10.60
CA MET B 219 -20.45 -1.32 -10.22
C MET B 219 -19.41 -0.92 -9.18
N TRP B 220 -19.12 -1.81 -8.22
CA TRP B 220 -18.03 -1.53 -7.27
C TRP B 220 -16.71 -1.31 -8.02
N SER B 221 -16.37 -2.22 -8.93
CA SER B 221 -15.12 -2.09 -9.67
C SER B 221 -15.06 -0.79 -10.44
N LEU B 222 -16.18 -0.40 -11.05
CA LEU B 222 -16.23 0.83 -11.81
C LEU B 222 -15.96 2.03 -10.90
N GLY B 223 -16.54 2.03 -9.69
CA GLY B 223 -16.23 3.09 -8.74
C GLY B 223 -14.75 3.24 -8.45
N CYS B 224 -14.06 2.12 -8.23
CA CYS B 224 -12.61 2.19 -8.03
C CYS B 224 -11.91 2.74 -9.25
N ILE B 225 -12.35 2.32 -10.43
CA ILE B 225 -11.70 2.67 -11.72
C ILE B 225 -11.82 4.17 -11.99
N LEU B 226 -12.98 4.78 -11.73
CA LEU B 226 -13.17 6.21 -12.02
C LEU B 226 -12.30 7.07 -11.13
N VAL B 227 -12.17 6.69 -9.85
CA VAL B 227 -11.29 7.42 -8.95
C VAL B 227 -9.85 7.30 -9.42
N GLU B 228 -9.43 6.09 -9.79
CA GLU B 228 -8.09 5.89 -10.30
C GLU B 228 -7.84 6.71 -11.56
N MET B 229 -8.84 6.79 -12.42
CA MET B 229 -8.68 7.55 -13.66
C MET B 229 -8.39 9.01 -13.38
N HIS B 230 -9.04 9.58 -12.37
CA HIS B 230 -8.84 11.00 -12.10
C HIS B 230 -7.66 11.28 -11.19
N THR B 231 -7.36 10.39 -10.23
CA THR B 231 -6.22 10.63 -9.36
C THR B 231 -4.91 10.08 -9.90
N GLY B 232 -4.98 9.11 -10.81
CA GLY B 232 -3.79 8.47 -11.34
C GLY B 232 -3.33 7.24 -10.57
N GLU B 233 -3.87 6.98 -9.39
CA GLU B 233 -3.42 5.89 -8.55
C GLU B 233 -4.62 5.06 -8.10
N PRO B 234 -4.41 3.76 -7.86
CA PRO B 234 -5.54 2.92 -7.42
C PRO B 234 -6.07 3.35 -6.06
N LEU B 235 -7.39 3.45 -5.96
CA LEU B 235 -8.03 3.83 -4.71
C LEU B 235 -7.67 2.86 -3.57
N PHE B 236 -7.78 1.57 -3.85
CA PHE B 236 -7.52 0.47 -2.88
C PHE B 236 -6.46 -0.44 -3.47
N SER B 237 -5.19 -0.29 -3.09
CA SER B 237 -4.10 -1.02 -3.75
C SER B 237 -3.55 -2.10 -2.81
N GLY B 238 -4.41 -3.05 -2.48
CA GLY B 238 -4.06 -4.09 -1.53
C GLY B 238 -3.16 -5.15 -2.14
N ALA B 239 -2.22 -5.64 -1.33
CA ALA B 239 -1.30 -6.69 -1.77
C ALA B 239 -1.84 -8.09 -1.51
N ASN B 240 -2.90 -8.24 -0.73
CA ASN B 240 -3.58 -9.51 -0.52
C ASN B 240 -4.99 -9.17 -0.04
N GLU B 241 -5.78 -10.21 0.23
CA GLU B 241 -7.16 -9.98 0.61
C GLU B 241 -7.27 -9.16 1.88
N VAL B 242 -6.48 -9.49 2.91
CA VAL B 242 -6.55 -8.76 4.17
C VAL B 242 -6.17 -7.30 3.96
N ASP B 243 -5.05 -7.06 3.27
CA ASP B 243 -4.62 -5.69 2.99
C ASP B 243 -5.66 -4.96 2.14
N GLN B 244 -6.32 -5.66 1.21
CA GLN B 244 -7.36 -5.04 0.40
C GLN B 244 -8.52 -4.60 1.26
N MET B 245 -8.97 -5.48 2.16
CA MET B 245 -10.09 -5.12 3.03
C MET B 245 -9.73 -3.97 3.95
N ASN B 246 -8.50 -3.96 4.49
CA ASN B 246 -8.10 -2.90 5.39
C ASN B 246 -7.94 -1.56 4.66
N LYS B 247 -7.48 -1.60 3.41
CA LYS B 247 -7.40 -0.36 2.64
C LYS B 247 -8.79 0.19 2.37
N ILE B 248 -9.76 -0.69 2.12
CA ILE B 248 -11.14 -0.28 1.93
C ILE B 248 -11.70 0.31 3.22
N VAL B 249 -11.40 -0.32 4.37
CA VAL B 249 -11.89 0.14 5.65
C VAL B 249 -11.31 1.53 5.96
N GLU B 250 -10.05 1.74 5.60
CA GLU B 250 -9.42 3.05 5.79
C GLU B 250 -10.29 4.16 5.22
N VAL B 251 -10.94 3.89 4.10
CA VAL B 251 -11.70 4.92 3.39
C VAL B 251 -13.17 4.90 3.78
N LEU B 252 -13.77 3.72 3.90
CA LEU B 252 -15.22 3.58 4.07
C LEU B 252 -15.64 3.15 5.46
N GLY B 253 -14.70 2.88 6.36
CA GLY B 253 -15.04 2.51 7.71
C GLY B 253 -15.37 1.02 7.80
N ILE B 254 -15.83 0.63 8.98
CA ILE B 254 -16.21 -0.78 9.20
C ILE B 254 -17.50 -1.07 8.44
N PRO B 255 -17.60 -2.20 7.75
CA PRO B 255 -18.84 -2.54 7.05
C PRO B 255 -20.00 -2.64 8.01
N PRO B 256 -21.24 -2.47 7.52
CA PRO B 256 -22.41 -2.56 8.39
C PRO B 256 -22.53 -3.93 9.03
N ALA B 257 -23.24 -3.96 10.16
CA ALA B 257 -23.32 -5.18 10.96
C ALA B 257 -24.14 -6.27 10.29
N HIS B 258 -25.28 -5.90 9.68
CA HIS B 258 -26.11 -6.91 9.02
C HIS B 258 -25.37 -7.61 7.89
N ILE B 259 -24.39 -6.93 7.29
CA ILE B 259 -23.57 -7.59 6.26
C ILE B 259 -22.60 -8.57 6.89
N LEU B 260 -21.88 -8.11 7.92
CA LEU B 260 -20.89 -8.97 8.57
C LEU B 260 -21.53 -10.18 9.26
N ASP B 261 -22.73 -10.00 9.82
CA ASP B 261 -23.40 -11.12 10.47
C ASP B 261 -23.72 -12.25 9.49
N GLN B 262 -23.89 -11.91 8.21
CA GLN B 262 -24.29 -12.93 7.19
C GLN B 262 -23.12 -13.30 6.29
N ALA B 263 -21.91 -12.84 6.60
CA ALA B 263 -20.72 -13.05 5.76
C ALA B 263 -19.91 -14.24 6.26
N PRO B 264 -19.63 -15.22 5.40
CA PRO B 264 -18.87 -16.39 5.86
C PRO B 264 -17.43 -16.08 6.22
N LYS B 265 -16.78 -15.17 5.50
CA LYS B 265 -15.38 -14.85 5.74
C LYS B 265 -15.22 -13.61 6.61
N ALA B 266 -16.25 -13.23 7.38
CA ALA B 266 -16.16 -12.05 8.24
C ALA B 266 -14.97 -12.16 9.19
N ARG B 267 -14.82 -13.30 9.86
CA ARG B 267 -13.78 -13.39 10.88
C ARG B 267 -12.39 -13.49 10.30
N LYS B 268 -12.26 -13.48 8.96
CA LYS B 268 -10.93 -13.35 8.36
C LYS B 268 -10.38 -11.93 8.51
N PHE B 269 -11.25 -10.93 8.55
CA PHE B 269 -10.83 -9.53 8.62
C PHE B 269 -11.25 -8.81 9.89
N PHE B 270 -12.32 -9.26 10.55
CA PHE B 270 -12.99 -8.50 11.61
C PHE B 270 -13.19 -9.37 12.84
N GLU B 271 -13.45 -8.72 13.98
CA GLU B 271 -13.77 -9.36 15.24
C GLU B 271 -15.00 -8.72 15.84
N LYS B 272 -15.76 -9.51 16.60
CA LYS B 272 -16.93 -8.99 17.32
C LYS B 272 -16.50 -8.71 18.76
N LEU B 273 -16.48 -7.43 19.13
CA LEU B 273 -16.08 -7.01 20.46
C LEU B 273 -17.09 -7.46 21.51
N PRO B 274 -16.70 -7.44 22.79
CA PRO B 274 -17.65 -7.85 23.85
C PRO B 274 -18.95 -7.08 23.87
N ASP B 275 -18.99 -5.86 23.35
CA ASP B 275 -20.22 -5.08 23.31
C ASP B 275 -21.08 -5.39 22.09
N GLY B 276 -20.72 -6.40 21.30
CA GLY B 276 -21.52 -6.81 20.17
C GLY B 276 -21.24 -6.10 18.88
N THR B 277 -20.36 -5.10 18.89
CA THR B 277 -20.04 -4.35 17.69
C THR B 277 -18.81 -4.92 17.00
N TRP B 278 -18.81 -4.83 15.67
CA TRP B 278 -17.71 -5.36 14.86
C TRP B 278 -16.59 -4.35 14.74
N ASN B 279 -15.37 -4.85 14.77
CA ASN B 279 -14.20 -3.98 14.55
C ASN B 279 -13.12 -4.81 13.84
N LEU B 280 -12.09 -4.18 13.34
CA LEU B 280 -10.97 -4.89 12.73
C LEU B 280 -10.30 -5.80 13.75
N LYS B 281 -9.72 -6.90 13.26
CA LYS B 281 -8.93 -7.76 14.12
C LYS B 281 -7.71 -7.01 14.66
N LYS B 282 -7.31 -7.38 15.85
CA LYS B 282 -6.18 -6.72 16.46
C LYS B 282 -4.93 -7.38 15.92
N THR B 283 -3.87 -6.61 15.73
CA THR B 283 -2.69 -7.20 15.10
C THR B 283 -1.33 -6.83 15.64
N LYS B 284 -0.72 -7.74 16.38
CA LYS B 284 0.65 -7.54 16.89
C LYS B 284 0.83 -6.56 18.03
N ASP B 285 2.07 -6.30 18.37
CA ASP B 285 2.35 -5.44 19.49
C ASP B 285 2.14 -4.00 19.11
N GLY B 286 0.91 -3.53 19.25
CA GLY B 286 0.60 -2.18 18.82
C GLY B 286 1.24 -1.88 17.48
N LYS B 287 0.96 -2.69 16.47
CA LYS B 287 1.60 -2.47 15.19
C LYS B 287 0.70 -1.72 14.20
N ARG B 288 0.99 -0.43 14.01
CA ARG B 288 0.23 0.38 13.08
C ARG B 288 0.62 0.14 11.67
N GLU B 289 -0.36 -0.05 10.80
CA GLU B 289 -0.08 -0.18 9.39
C GLU B 289 -1.13 0.60 8.64
N TYR B 290 -2.29 0.79 9.24
CA TYR B 290 -3.37 1.44 8.52
C TYR B 290 -3.87 2.64 9.30
N LYS B 291 -4.41 3.62 8.59
CA LYS B 291 -5.05 4.79 9.20
C LYS B 291 -6.36 4.32 9.81
N PRO B 292 -6.83 4.94 10.90
CA PRO B 292 -8.03 4.49 11.59
C PRO B 292 -9.20 4.41 10.64
N PRO B 293 -10.19 3.57 10.95
CA PRO B 293 -11.27 3.28 9.99
C PRO B 293 -12.04 4.53 9.58
N GLY B 294 -12.23 4.68 8.27
CA GLY B 294 -13.07 5.74 7.74
C GLY B 294 -12.49 7.13 7.75
N THR B 295 -11.26 7.31 8.21
CA THR B 295 -10.66 8.64 8.27
C THR B 295 -9.88 9.01 7.02
N ARG B 296 -9.59 8.05 6.14
CA ARG B 296 -8.98 8.37 4.84
C ARG B 296 -10.10 8.81 3.90
N LYS B 297 -10.55 10.03 4.11
CA LYS B 297 -11.70 10.48 3.37
C LYS B 297 -11.52 10.70 1.91
N LEU B 298 -12.49 10.21 1.16
CA LEU B 298 -12.46 10.45 -0.27
C LEU B 298 -12.49 11.93 -0.60
N HIS B 299 -13.17 12.72 0.23
CA HIS B 299 -13.15 14.17 0.08
C HIS B 299 -11.73 14.68 -0.06
N ASN B 300 -10.79 14.07 0.66
CA ASN B 300 -9.38 14.48 0.61
C ASN B 300 -8.62 13.78 -0.50
N ILE B 301 -8.91 12.50 -0.71
CA ILE B 301 -8.32 11.76 -1.82
C ILE B 301 -8.56 12.49 -3.13
N LEU B 302 -9.80 12.96 -3.34
CA LEU B 302 -10.14 13.71 -4.53
C LEU B 302 -9.67 15.16 -4.47
N GLY B 303 -9.29 15.66 -3.29
CA GLY B 303 -8.84 17.03 -3.13
C GLY B 303 -9.93 18.03 -3.50
N VAL B 304 -11.14 17.77 -3.01
CA VAL B 304 -12.31 18.55 -3.41
C VAL B 304 -12.07 20.06 -3.27
N GLU B 305 -11.43 20.46 -2.17
CA GLU B 305 -11.26 21.87 -1.86
C GLU B 305 -9.80 22.30 -1.88
N THR B 306 -8.94 21.55 -2.56
CA THR B 306 -7.53 21.92 -2.69
C THR B 306 -7.06 21.76 -4.13
N GLY B 307 -7.90 22.18 -5.08
CA GLY B 307 -7.51 22.12 -6.47
C GLY B 307 -7.34 20.72 -7.00
N GLY B 308 -8.11 19.76 -6.48
CA GLY B 308 -8.12 18.41 -6.99
C GLY B 308 -6.93 17.61 -6.53
N PRO B 309 -6.66 16.49 -7.22
CA PRO B 309 -5.55 15.62 -6.82
C PRO B 309 -4.20 16.35 -6.91
N GLY B 310 -3.49 16.38 -5.79
CA GLY B 310 -2.20 17.02 -5.72
C GLY B 310 -2.21 18.49 -6.04
N GLY B 311 -3.39 19.12 -6.03
CA GLY B 311 -3.50 20.53 -6.35
C GLY B 311 -3.30 20.89 -7.81
N ARG B 312 -3.19 19.89 -8.69
CA ARG B 312 -2.85 20.14 -10.08
C ARG B 312 -4.01 20.72 -10.88
N ARG B 313 -5.25 20.60 -10.39
CA ARG B 313 -6.42 21.06 -11.10
C ARG B 313 -6.94 22.40 -10.58
N ALA B 314 -6.11 23.15 -9.84
CA ALA B 314 -6.54 24.41 -9.24
C ALA B 314 -7.00 25.40 -10.29
N GLY B 315 -8.29 25.72 -10.29
CA GLY B 315 -8.83 26.72 -11.20
C GLY B 315 -9.10 26.24 -12.62
N GLU B 316 -8.79 24.99 -12.94
CA GLU B 316 -9.12 24.45 -14.25
C GLU B 316 -10.63 24.39 -14.43
N SER B 317 -11.09 24.69 -15.64
CA SER B 317 -12.52 24.61 -15.94
C SER B 317 -13.00 23.17 -15.77
N GLY B 318 -14.25 23.04 -15.35
CA GLY B 318 -14.77 21.71 -15.08
C GLY B 318 -14.10 21.03 -13.91
N HIS B 319 -13.67 21.80 -12.91
CA HIS B 319 -13.02 21.25 -11.72
C HIS B 319 -13.40 22.04 -10.48
N THR B 320 -14.56 22.69 -10.50
CA THR B 320 -15.02 23.49 -9.38
C THR B 320 -15.35 22.58 -8.19
N VAL B 321 -15.50 23.20 -7.01
CA VAL B 321 -15.83 22.44 -5.82
C VAL B 321 -17.20 21.79 -5.96
N ALA B 322 -18.14 22.47 -6.63
CA ALA B 322 -19.45 21.88 -6.86
C ALA B 322 -19.37 20.71 -7.83
N ASP B 323 -18.43 20.74 -8.78
CA ASP B 323 -18.24 19.59 -9.67
C ASP B 323 -17.69 18.39 -8.91
N TYR B 324 -16.62 18.60 -8.14
CA TYR B 324 -16.02 17.51 -7.36
C TYR B 324 -17.01 16.88 -6.40
N LEU B 325 -17.93 17.68 -5.84
CA LEU B 325 -18.92 17.14 -4.92
C LEU B 325 -19.93 16.23 -5.63
N LYS B 326 -20.29 16.56 -6.88
CA LYS B 326 -21.15 15.66 -7.65
C LYS B 326 -20.42 14.36 -7.96
N PHE B 327 -19.17 14.46 -8.41
CA PHE B 327 -18.37 13.27 -8.65
C PHE B 327 -18.20 12.44 -7.38
N LYS B 328 -17.94 13.10 -6.26
CA LYS B 328 -17.73 12.37 -5.01
C LYS B 328 -18.99 11.62 -4.58
N ASP B 329 -20.16 12.24 -4.75
CA ASP B 329 -21.40 11.58 -4.36
C ASP B 329 -21.64 10.32 -5.19
N LEU B 330 -21.45 10.42 -6.51
CA LEU B 330 -21.67 9.25 -7.36
C LEU B 330 -20.72 8.12 -6.99
N ILE B 331 -19.45 8.46 -6.78
CA ILE B 331 -18.41 7.48 -6.41
C ILE B 331 -18.83 6.80 -5.11
N LEU B 332 -19.34 7.55 -4.13
CA LEU B 332 -19.78 6.97 -2.86
C LEU B 332 -21.05 6.16 -3.03
N ARG B 333 -21.89 6.50 -4.01
CA ARG B 333 -23.04 5.65 -4.31
C ARG B 333 -22.59 4.34 -4.94
N MET B 334 -21.46 4.34 -5.64
CA MET B 334 -20.93 3.14 -6.27
C MET B 334 -20.16 2.25 -5.29
N LEU B 335 -19.52 2.86 -4.28
CA LEU B 335 -18.79 2.10 -3.28
C LEU B 335 -19.63 1.84 -2.04
N ASP B 336 -20.95 1.78 -2.20
CA ASP B 336 -21.85 1.36 -1.14
C ASP B 336 -21.51 -0.06 -0.69
N TYR B 337 -21.43 -0.28 0.62
CA TYR B 337 -21.12 -1.60 1.15
C TYR B 337 -22.22 -2.61 0.80
N ASP B 338 -23.48 -2.20 0.87
CA ASP B 338 -24.62 -3.10 0.67
C ASP B 338 -24.90 -3.27 -0.81
N PRO B 339 -24.69 -4.46 -1.37
CA PRO B 339 -24.93 -4.64 -2.81
C PRO B 339 -26.38 -4.42 -3.21
N LYS B 340 -27.32 -4.60 -2.28
CA LYS B 340 -28.74 -4.38 -2.59
C LYS B 340 -29.08 -2.90 -2.73
N THR B 341 -28.33 -2.01 -2.07
CA THR B 341 -28.56 -0.57 -2.18
C THR B 341 -27.51 0.15 -3.03
N ARG B 342 -26.44 -0.53 -3.44
CA ARG B 342 -25.47 0.08 -4.34
C ARG B 342 -26.15 0.54 -5.63
N ILE B 343 -25.80 1.76 -6.06
CA ILE B 343 -26.45 2.35 -7.23
C ILE B 343 -26.31 1.41 -8.42
N GLN B 344 -27.37 1.34 -9.22
CA GLN B 344 -27.45 0.51 -10.42
C GLN B 344 -27.28 1.36 -11.66
N PRO B 345 -26.87 0.76 -12.78
CA PRO B 345 -26.54 1.56 -13.98
C PRO B 345 -27.66 2.49 -14.45
N TYR B 346 -28.90 2.03 -14.50
CA TYR B 346 -29.99 2.88 -14.97
C TYR B 346 -30.07 4.16 -14.15
N TYR B 347 -29.98 4.04 -12.83
CA TYR B 347 -30.09 5.20 -11.95
C TYR B 347 -28.79 5.97 -11.86
N ALA B 348 -27.64 5.34 -12.10
CA ALA B 348 -26.38 6.09 -12.15
C ALA B 348 -26.35 7.06 -13.33
N LEU B 349 -27.01 6.72 -14.41
CA LEU B 349 -26.94 7.58 -15.57
C LEU B 349 -27.72 8.85 -15.32
N GLN B 350 -28.60 8.81 -14.34
CA GLN B 350 -29.40 9.97 -14.01
C GLN B 350 -28.77 10.83 -12.95
N HIS B 351 -27.55 10.51 -12.57
CA HIS B 351 -26.89 11.25 -11.51
C HIS B 351 -26.56 12.65 -11.94
N SER B 352 -26.50 13.53 -10.97
CA SER B 352 -26.21 14.95 -11.25
C SER B 352 -24.84 15.13 -11.88
N PHE B 353 -23.92 14.20 -11.66
CA PHE B 353 -22.58 14.27 -12.25
C PHE B 353 -22.62 14.32 -13.78
N PHE B 354 -23.71 13.84 -14.40
CA PHE B 354 -23.82 13.77 -15.85
C PHE B 354 -24.68 14.88 -16.46
N LYS B 355 -25.05 15.88 -15.69
CA LYS B 355 -25.85 16.99 -16.21
C LYS B 355 -25.17 18.33 -15.97
#